data_4MJP
#
_entry.id   4MJP
#
_cell.length_a   79.711
_cell.length_b   66.950
_cell.length_c   81.045
_cell.angle_alpha   90.000
_cell.angle_beta   113.510
_cell.angle_gamma   90.000
#
_symmetry.space_group_name_H-M   'P 1 21 1'
#
loop_
_entity.id
_entity.type
_entity.pdbx_description
1 polymer 'DNA polymerase III subunit beta'
2 non-polymer DI(HYDROXYETHYL)ETHER
3 non-polymer 'TRIETHYLENE GLYCOL'
4 non-polymer 'CALCIUM ION'
5 non-polymer 'CHLORIDE ION'
6 non-polymer '(2R)-2-(4-cyclohexylnaphthalen-1-yl)propanoic acid'
7 water water
#
_entity_poly.entity_id   1
_entity_poly.type   'polypeptide(L)'
_entity_poly.pdbx_seq_one_letter_code
;MKFTVEREHLLKPLQQVSGPLGGRPTLPILGNLLLQVADGTLSLTGTDLEMEMVARVALVQPHEPGATTVPARKFFDICR
GLPEGAEIAVQLEGERMLVRSGRSRFSLSTLPAADFPNLDDWQSEVEFTLPQATMKRLIEATQFSMAHQDVRYYLNGMLF
ETEGEELRTVATDGHRLAVCSMPIGQSLPSHSVIVPRKGVIELMRMLDGGDNPLRVQIGSNNIRAHVGDFIFTSKLVDGR
FPDYRRVLPKNPDKHLEAGCDLLKQAFARAAILSNEKFRGVRLYVSENQLKITANNPEQEEAEEILDVTYSGAEMEIGFN
VSYVLDVLNALKCENVRMMLTDSVSSVQIEDAASQSAAYVVMPMRL
;
_entity_poly.pdbx_strand_id   A,B
#
# COMPACT_ATOMS: atom_id res chain seq x y z
N MET A 1 -32.99 23.64 -0.20
CA MET A 1 -31.80 23.33 -1.04
C MET A 1 -32.03 22.02 -1.77
N LYS A 2 -32.01 22.06 -3.11
CA LYS A 2 -32.15 20.87 -3.91
C LYS A 2 -31.29 20.97 -5.15
N PHE A 3 -30.67 19.86 -5.52
CA PHE A 3 -30.00 19.75 -6.82
C PHE A 3 -29.99 18.30 -7.30
N THR A 4 -29.84 18.15 -8.61
CA THR A 4 -29.60 16.85 -9.19
C THR A 4 -28.42 16.98 -10.11
N VAL A 5 -27.38 16.18 -9.89
CA VAL A 5 -26.13 16.28 -10.66
C VAL A 5 -25.62 14.89 -11.00
N GLU A 6 -25.01 14.77 -12.17
CA GLU A 6 -24.46 13.50 -12.61
C GLU A 6 -23.25 13.15 -11.75
N ARG A 7 -23.13 11.87 -11.42
CA ARG A 7 -22.11 11.38 -10.49
C ARG A 7 -20.72 11.85 -10.86
N GLU A 8 -20.37 11.73 -12.13
CA GLU A 8 -19.03 12.08 -12.61
C GLU A 8 -18.73 13.56 -12.42
N HIS A 9 -19.74 14.42 -12.52
CA HIS A 9 -19.54 15.86 -12.28
C HIS A 9 -19.35 16.19 -10.81
N LEU A 10 -19.83 15.31 -9.92
CA LEU A 10 -19.68 15.50 -8.48
C LEU A 10 -18.40 14.90 -7.91
N LEU A 11 -17.92 13.80 -8.50
CA LEU A 11 -16.84 13.03 -7.89
C LEU A 11 -15.50 13.74 -7.76
N LYS A 12 -15.06 14.42 -8.81
CA LYS A 12 -13.76 15.07 -8.76
C LYS A 12 -13.80 16.25 -7.76
N PRO A 13 -14.79 17.14 -7.87
CA PRO A 13 -14.93 18.18 -6.86
C PRO A 13 -14.99 17.64 -5.43
N LEU A 14 -15.81 16.61 -5.18
CA LEU A 14 -15.91 16.03 -3.84
C LEU A 14 -14.57 15.51 -3.37
N GLN A 15 -13.86 14.82 -4.27
CA GLN A 15 -12.51 14.37 -3.96
C GLN A 15 -11.57 15.55 -3.67
N GLN A 16 -11.64 16.61 -4.49
CA GLN A 16 -10.80 17.80 -4.31
C GLN A 16 -11.03 18.43 -2.92
N VAL A 17 -12.29 18.62 -2.54
CA VAL A 17 -12.60 19.32 -1.28
C VAL A 17 -12.50 18.42 -0.04
N SER A 18 -12.77 17.12 -0.18
CA SER A 18 -12.89 16.22 0.97
C SER A 18 -11.58 15.50 1.35
N GLY A 19 -10.71 15.28 0.36
CA GLY A 19 -9.44 14.54 0.56
C GLY A 19 -8.74 14.69 1.90
N PRO A 20 -8.39 15.94 2.30
CA PRO A 20 -7.60 16.18 3.49
C PRO A 20 -8.39 16.44 4.78
N LEU A 21 -9.68 16.11 4.79
CA LEU A 21 -10.49 16.29 6.00
C LEU A 21 -10.50 15.01 6.84
N GLY A 22 -10.76 15.17 8.13
CA GLY A 22 -10.76 14.05 9.06
C GLY A 22 -11.88 13.05 8.79
N THR A 26 -11.17 17.24 16.16
CA THR A 26 -12.03 17.03 17.31
C THR A 26 -13.16 18.07 17.40
N LEU A 27 -13.14 19.05 16.49
CA LEU A 27 -14.29 19.94 16.26
C LEU A 27 -15.07 19.37 15.07
N PRO A 28 -16.24 18.75 15.34
CA PRO A 28 -16.96 17.98 14.33
C PRO A 28 -17.17 18.67 12.99
N ILE A 29 -17.59 19.94 13.01
CA ILE A 29 -17.96 20.60 11.75
C ILE A 29 -16.80 20.65 10.74
N LEU A 30 -15.56 20.56 11.23
CA LEU A 30 -14.38 20.47 10.35
C LEU A 30 -14.33 19.18 9.52
N GLY A 31 -15.08 18.17 9.96
CA GLY A 31 -15.25 16.93 9.20
C GLY A 31 -16.37 16.99 8.17
N ASN A 32 -17.08 18.12 8.09
CA ASN A 32 -18.18 18.29 7.15
C ASN A 32 -17.79 19.17 5.98
N LEU A 33 -18.51 19.00 4.87
CA LEU A 33 -18.41 19.91 3.74
C LEU A 33 -19.56 20.89 3.79
N LEU A 34 -19.27 22.15 3.49
CA LEU A 34 -20.32 23.15 3.32
C LEU A 34 -20.82 23.04 1.89
N LEU A 35 -22.12 22.90 1.73
CA LEU A 35 -22.75 22.85 0.41
C LEU A 35 -23.66 24.05 0.26
N GLN A 36 -23.50 24.80 -0.84
CA GLN A 36 -24.34 25.97 -1.11
C GLN A 36 -24.83 25.91 -2.54
N VAL A 37 -26.14 26.04 -2.70
CA VAL A 37 -26.73 26.22 -4.02
C VAL A 37 -27.11 27.70 -4.09
N ALA A 38 -26.49 28.40 -5.01
CA ALA A 38 -26.74 29.83 -5.21
C ALA A 38 -26.42 30.14 -6.65
N ASP A 39 -27.29 30.93 -7.30
CA ASP A 39 -27.08 31.39 -8.68
C ASP A 39 -26.67 30.27 -9.67
N GLY A 40 -27.40 29.17 -9.70
CA GLY A 40 -27.07 28.09 -10.65
C GLY A 40 -25.74 27.38 -10.45
N THR A 41 -25.18 27.50 -9.25
CA THR A 41 -23.91 26.86 -8.92
C THR A 41 -24.08 26.12 -7.60
N LEU A 42 -23.50 24.93 -7.54
CA LEU A 42 -23.28 24.24 -6.30
C LEU A 42 -21.83 24.48 -5.89
N SER A 43 -21.65 25.04 -4.71
CA SER A 43 -20.33 25.22 -4.16
C SER A 43 -20.13 24.23 -3.03
N LEU A 44 -18.94 23.63 -3.00
CA LEU A 44 -18.58 22.67 -1.97
C LEU A 44 -17.30 23.19 -1.34
N THR A 45 -17.29 23.32 0.00
CA THR A 45 -16.14 23.83 0.70
C THR A 45 -15.73 22.92 1.85
N GLY A 46 -14.41 22.70 1.95
CA GLY A 46 -13.81 22.00 3.08
C GLY A 46 -12.70 22.84 3.68
N THR A 47 -12.51 22.73 4.98
CA THR A 47 -11.46 23.47 5.68
C THR A 47 -10.95 22.73 6.93
N ASP A 48 -9.74 23.07 7.33
CA ASP A 48 -9.22 22.68 8.66
C ASP A 48 -8.84 23.90 9.50
N LEU A 49 -9.30 25.08 9.08
CA LEU A 49 -8.97 26.38 9.69
C LEU A 49 -7.65 27.01 9.21
N GLU A 50 -6.71 26.19 8.73
CA GLU A 50 -5.45 26.68 8.18
C GLU A 50 -5.52 26.85 6.67
N MET A 51 -6.34 26.02 6.02
CA MET A 51 -6.51 26.07 4.58
C MET A 51 -7.95 25.74 4.18
N GLU A 52 -8.32 26.12 2.95
CA GLU A 52 -9.68 25.95 2.49
C GLU A 52 -9.65 25.50 1.04
N MET A 53 -10.51 24.55 0.70
CA MET A 53 -10.68 24.07 -0.67
C MET A 53 -12.12 24.28 -1.10
N VAL A 54 -12.33 24.98 -2.22
CA VAL A 54 -13.67 25.33 -2.69
C VAL A 54 -13.81 24.88 -4.15
N ALA A 55 -14.88 24.18 -4.49
CA ALA A 55 -15.13 23.77 -5.86
C ALA A 55 -16.51 24.27 -6.27
N ARG A 56 -16.62 24.79 -7.49
CA ARG A 56 -17.88 25.29 -8.05
C ARG A 56 -18.39 24.33 -9.13
N VAL A 57 -19.65 23.93 -9.03
CA VAL A 57 -20.24 23.02 -9.98
C VAL A 57 -21.48 23.63 -10.60
N ALA A 58 -21.44 23.90 -11.91
CA ALA A 58 -22.60 24.44 -12.63
C ALA A 58 -23.76 23.46 -12.54
N LEU A 59 -24.93 23.97 -12.17
CA LEU A 59 -26.15 23.18 -12.10
C LEU A 59 -27.00 23.43 -13.33
N VAL A 60 -27.00 22.47 -14.24
CA VAL A 60 -27.80 22.54 -15.46
C VAL A 60 -29.22 21.97 -15.29
N GLN A 61 -29.44 21.15 -14.27
CA GLN A 61 -30.75 20.61 -13.97
C GLN A 61 -31.46 21.49 -12.94
N PRO A 62 -32.79 21.37 -12.81
CA PRO A 62 -33.54 22.20 -11.87
C PRO A 62 -32.97 22.10 -10.45
N HIS A 63 -32.97 23.22 -9.74
CA HIS A 63 -32.33 23.29 -8.44
C HIS A 63 -32.98 24.39 -7.62
N GLU A 64 -32.84 24.27 -6.30
CA GLU A 64 -33.39 25.25 -5.38
C GLU A 64 -32.30 25.69 -4.40
N PRO A 65 -32.24 26.98 -4.09
CA PRO A 65 -31.12 27.50 -3.29
C PRO A 65 -31.18 27.11 -1.81
N GLY A 66 -30.02 27.16 -1.17
CA GLY A 66 -29.89 26.96 0.26
C GLY A 66 -28.53 26.38 0.58
N ALA A 67 -28.24 26.26 1.87
CA ALA A 67 -26.96 25.74 2.31
C ALA A 67 -27.11 24.85 3.53
N THR A 68 -26.18 23.90 3.64
CA THR A 68 -26.09 23.00 4.78
C THR A 68 -24.65 22.49 4.85
N THR A 69 -24.34 21.71 5.88
CA THR A 69 -23.07 21.00 5.92
C THR A 69 -23.35 19.53 6.24
N VAL A 70 -22.51 18.65 5.71
CA VAL A 70 -22.72 17.21 5.80
C VAL A 70 -21.36 16.51 5.94
N PRO A 71 -21.34 15.35 6.61
CA PRO A 71 -20.11 14.57 6.79
C PRO A 71 -19.42 14.33 5.46
N ALA A 72 -18.20 14.81 5.34
CA ALA A 72 -17.48 14.82 4.06
C ALA A 72 -17.17 13.42 3.52
N ARG A 73 -16.57 12.59 4.36
CA ARG A 73 -16.17 11.24 3.93
C ARG A 73 -17.37 10.38 3.56
N LYS A 74 -18.42 10.41 4.38
CA LYS A 74 -19.62 9.63 4.08
C LYS A 74 -20.27 10.05 2.77
N PHE A 75 -20.40 11.36 2.54
CA PHE A 75 -21.02 11.83 1.32
C PHE A 75 -20.17 11.43 0.11
N PHE A 76 -18.86 11.60 0.23
CA PHE A 76 -17.95 11.15 -0.83
C PHE A 76 -18.06 9.66 -1.09
N ASP A 77 -18.03 8.86 -0.02
CA ASP A 77 -18.08 7.41 -0.16
C ASP A 77 -19.40 6.92 -0.78
N ILE A 78 -20.50 7.60 -0.45
CA ILE A 78 -21.80 7.26 -1.01
C ILE A 78 -21.78 7.55 -2.52
N CYS A 79 -21.32 8.74 -2.90
CA CYS A 79 -21.27 9.14 -4.31
C CYS A 79 -20.33 8.24 -5.13
N ARG A 80 -19.16 7.96 -4.58
CA ARG A 80 -18.17 7.13 -5.24
C ARG A 80 -18.70 5.70 -5.39
N GLY A 81 -19.44 5.24 -4.39
CA GLY A 81 -19.98 3.88 -4.40
C GLY A 81 -21.15 3.62 -5.34
N LEU A 82 -21.78 4.68 -5.83
CA LEU A 82 -22.84 4.57 -6.81
C LEU A 82 -22.24 4.21 -8.20
N PRO A 83 -23.06 3.64 -9.08
CA PRO A 83 -22.54 3.16 -10.36
C PRO A 83 -22.20 4.29 -11.32
N GLU A 84 -21.26 4.04 -12.22
CA GLU A 84 -20.93 5.03 -13.23
C GLU A 84 -22.19 5.47 -13.97
N GLY A 85 -22.28 6.77 -14.25
CA GLY A 85 -23.41 7.34 -14.96
C GLY A 85 -24.61 7.67 -14.08
N ALA A 86 -24.51 7.40 -12.77
CA ALA A 86 -25.64 7.62 -11.87
C ALA A 86 -25.98 9.09 -11.81
N GLU A 87 -27.26 9.40 -11.73
CA GLU A 87 -27.72 10.77 -11.45
C GLU A 87 -28.00 10.86 -9.95
N ILE A 88 -27.45 11.89 -9.31
CA ILE A 88 -27.56 12.03 -7.84
C ILE A 88 -28.42 13.23 -7.46
N ALA A 89 -29.58 12.94 -6.87
CA ALA A 89 -30.52 13.96 -6.42
C ALA A 89 -30.38 14.18 -4.93
N VAL A 90 -30.22 15.45 -4.54
CA VAL A 90 -29.99 15.83 -3.15
C VAL A 90 -31.05 16.84 -2.76
N GLN A 91 -31.60 16.70 -1.56
CA GLN A 91 -32.45 17.73 -1.01
C GLN A 91 -32.41 17.76 0.51
N LEU A 92 -32.39 18.98 1.06
CA LEU A 92 -32.37 19.18 2.50
C LEU A 92 -33.81 18.94 2.96
N GLU A 93 -34.01 18.01 3.89
CA GLU A 93 -35.33 17.79 4.48
C GLU A 93 -35.23 17.88 5.98
N GLY A 94 -35.65 19.02 6.52
CA GLY A 94 -35.50 19.31 7.92
C GLY A 94 -34.02 19.45 8.21
N GLU A 95 -33.53 18.63 9.13
CA GLU A 95 -32.13 18.64 9.55
C GLU A 95 -31.32 17.50 8.94
N ARG A 96 -31.93 16.76 8.02
CA ARG A 96 -31.28 15.66 7.31
C ARG A 96 -31.06 16.06 5.85
N MET A 97 -29.96 15.59 5.26
CA MET A 97 -29.78 15.75 3.81
C MET A 97 -30.05 14.42 3.12
N LEU A 98 -31.04 14.42 2.23
CA LEU A 98 -31.44 13.24 1.48
C LEU A 98 -30.66 13.17 0.18
N VAL A 99 -30.16 11.97 -0.11
CA VAL A 99 -29.43 11.66 -1.33
C VAL A 99 -30.11 10.46 -1.98
N ARG A 100 -30.46 10.60 -3.25
CA ARG A 100 -31.19 9.56 -3.94
C ARG A 100 -30.57 9.32 -5.31
N SER A 101 -30.35 8.08 -5.65
CA SER A 101 -29.91 7.72 -7.00
C SER A 101 -30.45 6.33 -7.31
N GLY A 102 -31.18 6.20 -8.42
CA GLY A 102 -31.87 4.94 -8.73
C GLY A 102 -32.75 4.54 -7.55
N ARG A 103 -32.54 3.35 -7.00
CA ARG A 103 -33.25 2.90 -5.79
C ARG A 103 -32.30 2.81 -4.60
N SER A 104 -31.31 3.70 -4.58
CA SER A 104 -30.39 3.86 -3.46
C SER A 104 -30.75 5.17 -2.79
N ARG A 105 -31.05 5.11 -1.49
CA ARG A 105 -31.44 6.30 -0.72
C ARG A 105 -30.65 6.40 0.57
N PHE A 106 -30.24 7.62 0.91
CA PHE A 106 -29.43 7.89 2.11
C PHE A 106 -29.90 9.15 2.81
N SER A 107 -29.87 9.13 4.13
CA SER A 107 -30.20 10.30 4.93
C SER A 107 -29.02 10.59 5.83
N LEU A 108 -28.37 11.74 5.60
CA LEU A 108 -27.17 12.13 6.32
C LEU A 108 -27.49 13.20 7.35
N SER A 109 -26.71 13.21 8.43
CA SER A 109 -26.86 14.22 9.48
C SER A 109 -26.27 15.52 8.95
N THR A 110 -26.75 16.66 9.46
CA THR A 110 -26.18 17.95 9.08
C THR A 110 -25.75 18.76 10.29
N LEU A 111 -24.88 19.72 10.03
CA LEU A 111 -24.66 20.82 10.95
C LEU A 111 -24.97 22.10 10.17
N PRO A 112 -25.50 23.13 10.86
CA PRO A 112 -25.93 24.36 10.21
C PRO A 112 -24.82 25.02 9.41
N ALA A 113 -25.13 25.51 8.22
CA ALA A 113 -24.14 26.21 7.42
C ALA A 113 -23.64 27.48 8.13
N ALA A 114 -24.50 28.09 8.93
CA ALA A 114 -24.11 29.27 9.72
C ALA A 114 -22.97 29.01 10.70
N ASP A 115 -22.79 27.75 11.11
CA ASP A 115 -21.70 27.40 12.02
C ASP A 115 -20.38 27.10 11.29
N PHE A 116 -20.40 26.98 9.96
CA PHE A 116 -19.20 26.61 9.21
C PHE A 116 -18.18 27.77 9.24
N PRO A 117 -16.89 27.48 9.51
CA PRO A 117 -15.93 28.58 9.69
C PRO A 117 -15.35 29.15 8.39
N ASN A 118 -15.21 30.48 8.36
CA ASN A 118 -14.56 31.19 7.24
C ASN A 118 -13.09 31.48 7.54
N LEU A 119 -12.22 31.31 6.54
CA LEU A 119 -10.91 31.95 6.59
C LEU A 119 -11.14 33.46 6.54
N ASP A 120 -10.29 34.21 7.25
CA ASP A 120 -10.39 35.67 7.27
C ASP A 120 -10.26 36.25 5.87
N ASP A 121 -10.86 37.41 5.64
CA ASP A 121 -10.70 38.15 4.40
C ASP A 121 -9.27 38.68 4.32
N TRP A 122 -8.78 38.84 3.10
CA TRP A 122 -7.42 39.33 2.89
C TRP A 122 -7.32 39.90 1.47
N GLN A 123 -6.25 40.64 1.20
CA GLN A 123 -6.05 41.26 -0.11
C GLN A 123 -4.88 40.64 -0.84
N SER A 124 -5.05 40.45 -2.14
CA SER A 124 -3.99 39.96 -3.00
C SER A 124 -3.00 41.10 -3.28
N GLU A 125 -1.70 40.81 -3.11
CA GLU A 125 -0.62 41.76 -3.39
C GLU A 125 0.18 41.37 -4.63
N VAL A 126 0.30 40.07 -4.86
CA VAL A 126 1.11 39.53 -5.94
C VAL A 126 0.30 38.47 -6.68
N GLU A 127 0.29 38.56 -8.00
CA GLU A 127 -0.51 37.68 -8.85
C GLU A 127 0.26 37.30 -10.08
N PHE A 128 0.09 36.04 -10.47
CA PHE A 128 0.61 35.56 -11.72
C PHE A 128 -0.10 34.27 -12.08
N THR A 129 0.05 33.90 -13.34
CA THR A 129 -0.48 32.66 -13.84
CA THR A 129 -0.50 32.68 -13.91
C THR A 129 0.68 31.81 -14.32
N LEU A 130 0.50 30.49 -14.27
CA LEU A 130 1.54 29.58 -14.75
C LEU A 130 0.92 28.24 -15.14
N PRO A 131 1.59 27.49 -16.02
CA PRO A 131 1.07 26.17 -16.37
C PRO A 131 1.06 25.22 -15.17
N GLN A 132 0.05 24.36 -15.09
CA GLN A 132 0.04 23.26 -14.13
C GLN A 132 1.36 22.51 -14.10
N ALA A 133 1.90 22.21 -15.28
CA ALA A 133 3.12 21.40 -15.41
C ALA A 133 4.29 22.01 -14.65
N THR A 134 4.37 23.32 -14.70
CA THR A 134 5.43 24.06 -14.01
C THR A 134 5.30 23.94 -12.51
N MET A 135 4.09 24.11 -11.99
CA MET A 135 3.88 23.94 -10.55
C MET A 135 4.22 22.51 -10.12
N LYS A 136 3.81 21.53 -10.93
CA LYS A 136 4.13 20.14 -10.64
C LYS A 136 5.64 19.96 -10.51
N ARG A 137 6.37 20.42 -11.52
CA ARG A 137 7.83 20.39 -11.54
C ARG A 137 8.46 21.07 -10.31
N LEU A 138 8.01 22.27 -9.98
CA LEU A 138 8.55 23.04 -8.84
C LEU A 138 8.40 22.29 -7.53
N ILE A 139 7.24 21.71 -7.31
CA ILE A 139 6.99 20.98 -6.06
C ILE A 139 7.75 19.65 -6.00
N GLU A 140 7.61 18.82 -7.02
CA GLU A 140 8.21 17.49 -6.98
C GLU A 140 9.75 17.55 -6.96
N ALA A 141 10.33 18.63 -7.48
CA ALA A 141 11.78 18.76 -7.48
C ALA A 141 12.37 19.04 -6.09
N THR A 142 11.55 19.54 -5.18
CA THR A 142 12.05 19.99 -3.87
C THR A 142 11.35 19.44 -2.64
N GLN A 143 10.15 18.91 -2.81
CA GLN A 143 9.30 18.54 -1.67
C GLN A 143 9.97 17.59 -0.69
N PHE A 144 10.72 16.62 -1.20
CA PHE A 144 11.38 15.62 -0.38
C PHE A 144 12.40 16.22 0.61
N SER A 145 12.88 17.44 0.34
CA SER A 145 13.92 18.07 1.19
C SER A 145 13.36 18.92 2.33
N MET A 146 12.03 19.00 2.44
CA MET A 146 11.41 19.73 3.56
C MET A 146 11.73 18.98 4.87
N ALA A 147 11.83 19.71 5.97
CA ALA A 147 12.00 19.07 7.28
C ALA A 147 10.75 18.31 7.70
N HIS A 148 10.92 17.37 8.64
CA HIS A 148 9.81 16.59 9.18
C HIS A 148 9.70 16.89 10.68
N GLN A 149 8.67 17.63 11.07
CA GLN A 149 8.44 17.96 12.48
C GLN A 149 9.64 18.70 13.14
N ASP A 150 10.34 19.54 12.38
CA ASP A 150 11.43 20.33 12.95
C ASP A 150 10.89 21.43 13.85
N VAL A 151 11.57 21.72 14.95
CA VAL A 151 11.15 22.79 15.86
C VAL A 151 11.25 24.18 15.21
N ARG A 152 12.09 24.34 14.20
CA ARG A 152 11.98 25.51 13.32
C ARG A 152 10.85 25.23 12.35
N TYR A 153 9.63 25.65 12.71
CA TYR A 153 8.41 25.23 12.01
C TYR A 153 8.41 25.56 10.52
N TYR A 154 9.05 26.66 10.18
CA TYR A 154 9.09 27.15 8.79
C TYR A 154 9.85 26.19 7.85
N LEU A 155 10.78 25.42 8.39
CA LEU A 155 11.48 24.39 7.59
C LEU A 155 10.58 23.21 7.25
N ASN A 156 9.45 23.08 7.94
CA ASN A 156 8.51 22.00 7.65
C ASN A 156 7.64 22.33 6.45
N GLY A 157 7.75 23.56 5.95
CA GLY A 157 7.04 24.02 4.76
C GLY A 157 7.99 24.23 3.59
N MET A 158 7.51 24.98 2.60
CA MET A 158 8.26 25.20 1.38
C MET A 158 8.24 26.67 1.06
N LEU A 159 9.43 27.21 0.78
CA LEU A 159 9.56 28.57 0.32
C LEU A 159 9.14 28.66 -1.13
N PHE A 160 8.29 29.64 -1.44
CA PHE A 160 7.94 29.99 -2.82
C PHE A 160 8.43 31.41 -3.04
N GLU A 161 9.33 31.60 -4.00
CA GLU A 161 9.95 32.89 -4.23
C GLU A 161 9.72 33.36 -5.66
N THR A 162 9.29 34.61 -5.81
CA THR A 162 9.28 35.24 -7.13
C THR A 162 10.50 36.15 -7.27
N GLU A 163 11.17 36.05 -8.41
CA GLU A 163 12.28 36.94 -8.72
C GLU A 163 12.37 37.10 -10.23
N GLY A 164 12.30 38.35 -10.70
CA GLY A 164 12.34 38.63 -12.12
C GLY A 164 11.09 38.07 -12.77
N GLU A 165 11.26 37.03 -13.57
CA GLU A 165 10.14 36.30 -14.17
C GLU A 165 10.16 34.81 -13.77
N GLU A 166 10.95 34.46 -12.77
CA GLU A 166 11.04 33.08 -12.30
C GLU A 166 10.23 32.89 -11.02
N LEU A 167 9.61 31.72 -10.90
CA LEU A 167 9.03 31.26 -9.66
C LEU A 167 9.95 30.15 -9.20
N ARG A 168 10.29 30.19 -7.91
CA ARG A 168 11.26 29.26 -7.37
C ARG A 168 10.71 28.63 -6.10
N THR A 169 11.01 27.35 -5.90
CA THR A 169 10.76 26.69 -4.63
C THR A 169 12.09 26.31 -3.98
N VAL A 170 12.13 26.38 -2.66
CA VAL A 170 13.29 25.98 -1.88
C VAL A 170 12.76 25.17 -0.71
N ALA A 171 13.43 24.06 -0.41
CA ALA A 171 13.11 23.23 0.72
C ALA A 171 14.41 22.77 1.38
N THR A 172 14.45 22.77 2.70
CA THR A 172 15.64 22.31 3.42
C THR A 172 15.25 21.87 4.82
N ASP A 173 16.00 20.90 5.35
CA ASP A 173 15.83 20.48 6.73
C ASP A 173 17.07 20.81 7.57
N GLY A 174 17.91 21.69 7.07
CA GLY A 174 19.16 22.05 7.76
C GLY A 174 20.35 21.16 7.42
N HIS A 175 20.11 20.01 6.78
CA HIS A 175 21.18 19.07 6.40
C HIS A 175 21.33 18.92 4.89
N ARG A 176 20.22 19.05 4.18
CA ARG A 176 20.22 19.06 2.74
C ARG A 176 19.20 20.09 2.23
N LEU A 177 19.41 20.54 1.02
CA LEU A 177 18.57 21.57 0.43
C LEU A 177 18.28 21.24 -1.02
N ALA A 178 17.08 21.58 -1.44
CA ALA A 178 16.68 21.52 -2.82
C ALA A 178 16.15 22.88 -3.27
N VAL A 179 16.50 23.27 -4.49
CA VAL A 179 16.00 24.50 -5.09
C VAL A 179 15.68 24.24 -6.57
N CYS A 180 14.54 24.74 -7.02
CA CYS A 180 14.13 24.66 -8.42
C CYS A 180 13.54 26.02 -8.83
N SER A 181 13.93 26.52 -10.00
CA SER A 181 13.45 27.79 -10.53
C SER A 181 12.93 27.59 -11.94
N MET A 182 11.78 28.18 -12.25
CA MET A 182 11.19 28.02 -13.57
C MET A 182 10.71 29.37 -14.07
N PRO A 183 10.93 29.66 -15.37
CA PRO A 183 10.43 30.88 -15.99
C PRO A 183 8.92 30.84 -16.16
N ILE A 184 8.24 31.94 -15.85
CA ILE A 184 6.79 32.01 -16.08
C ILE A 184 6.34 33.18 -16.95
N GLY A 185 7.30 33.91 -17.53
CA GLY A 185 7.01 34.88 -18.59
C GLY A 185 6.19 36.10 -18.21
N GLN A 186 6.20 36.45 -16.92
CA GLN A 186 5.54 37.64 -16.42
C GLN A 186 6.49 38.36 -15.47
N SER A 187 6.53 39.68 -15.56
CA SER A 187 7.32 40.51 -14.64
C SER A 187 6.74 40.44 -13.23
N LEU A 188 7.50 39.85 -12.30
CA LEU A 188 7.03 39.66 -10.94
C LEU A 188 7.80 40.56 -9.98
N PRO A 189 7.19 40.95 -8.85
CA PRO A 189 7.98 41.61 -7.85
C PRO A 189 8.82 40.58 -7.11
N SER A 190 9.91 41.01 -6.49
CA SER A 190 10.73 40.11 -5.69
C SER A 190 10.00 39.89 -4.39
N HIS A 191 9.64 38.64 -4.13
CA HIS A 191 8.75 38.32 -3.04
C HIS A 191 8.96 36.86 -2.60
N SER A 192 8.80 36.61 -1.31
CA SER A 192 9.00 35.27 -0.74
C SER A 192 7.91 34.97 0.26
N VAL A 193 7.37 33.76 0.20
CA VAL A 193 6.42 33.26 1.17
C VAL A 193 6.72 31.79 1.51
N ILE A 194 6.27 31.36 2.68
CA ILE A 194 6.45 29.98 3.11
C ILE A 194 5.09 29.34 3.23
N VAL A 195 4.91 28.26 2.47
CA VAL A 195 3.68 27.50 2.44
C VAL A 195 3.83 26.29 3.37
N PRO A 196 2.85 26.06 4.25
CA PRO A 196 2.97 24.91 5.15
C PRO A 196 2.85 23.56 4.43
N ARG A 197 3.34 22.51 5.08
CA ARG A 197 3.40 21.16 4.51
C ARG A 197 2.08 20.75 3.86
N LYS A 198 1.00 20.89 4.61
CA LYS A 198 -0.32 20.48 4.16
C LYS A 198 -0.77 21.28 2.94
N GLY A 199 -0.36 22.55 2.88
CA GLY A 199 -0.63 23.41 1.75
C GLY A 199 0.06 22.93 0.49
N VAL A 200 1.31 22.50 0.64
CA VAL A 200 2.10 22.02 -0.50
C VAL A 200 1.46 20.75 -1.02
N ILE A 201 1.01 19.89 -0.11
CA ILE A 201 0.34 18.65 -0.52
C ILE A 201 -0.92 18.92 -1.36
N GLU A 202 -1.71 19.91 -0.96
CA GLU A 202 -2.94 20.26 -1.68
C GLU A 202 -2.69 20.95 -3.00
N LEU A 203 -1.65 21.76 -3.02
CA LEU A 203 -1.22 22.47 -4.21
C LEU A 203 -0.77 21.46 -5.29
N MET A 204 -0.20 20.34 -4.86
CA MET A 204 0.16 19.26 -5.78
C MET A 204 -1.09 18.47 -6.17
N ARG A 205 -1.91 18.15 -5.18
CA ARG A 205 -3.11 17.32 -5.40
C ARG A 205 -4.11 17.94 -6.38
N MET A 206 -4.17 19.27 -6.43
CA MET A 206 -5.14 19.97 -7.28
C MET A 206 -4.75 20.05 -8.76
N LEU A 207 -3.56 19.57 -9.11
CA LEU A 207 -3.10 19.56 -10.49
C LEU A 207 -3.54 18.25 -11.17
N ASP A 208 -4.59 18.32 -11.99
CA ASP A 208 -5.18 17.12 -12.58
C ASP A 208 -4.42 16.60 -13.79
N GLY A 209 -3.52 17.42 -14.34
CA GLY A 209 -2.69 17.00 -15.47
C GLY A 209 -3.26 17.37 -16.82
N GLY A 210 -4.36 18.12 -16.83
CA GLY A 210 -4.89 18.70 -18.05
C GLY A 210 -4.13 19.96 -18.43
N ASP A 211 -4.74 20.78 -19.28
CA ASP A 211 -4.14 22.04 -19.76
C ASP A 211 -4.74 23.28 -19.10
N ASN A 212 -5.61 23.09 -18.10
CA ASN A 212 -6.09 24.22 -17.31
C ASN A 212 -4.91 24.91 -16.60
N PRO A 213 -4.71 26.22 -16.85
CA PRO A 213 -3.63 26.93 -16.18
C PRO A 213 -3.97 27.29 -14.75
N LEU A 214 -2.94 27.58 -13.96
CA LEU A 214 -3.07 27.93 -12.56
C LEU A 214 -3.01 29.45 -12.40
N ARG A 215 -3.89 30.04 -11.60
CA ARG A 215 -3.79 31.45 -11.26
C ARG A 215 -3.46 31.55 -9.77
N VAL A 216 -2.35 32.20 -9.47
CA VAL A 216 -1.87 32.32 -8.10
C VAL A 216 -2.02 33.74 -7.58
N GLN A 217 -2.60 33.87 -6.39
CA GLN A 217 -2.68 35.15 -5.70
C GLN A 217 -2.03 35.01 -4.35
N ILE A 218 -1.14 35.93 -4.03
CA ILE A 218 -0.42 35.91 -2.76
C ILE A 218 -0.71 37.19 -2.00
N GLY A 219 -1.12 37.06 -0.75
CA GLY A 219 -1.27 38.19 0.16
C GLY A 219 -0.17 38.16 1.20
N SER A 220 -0.28 39.03 2.21
CA SER A 220 0.74 39.08 3.27
C SER A 220 0.71 37.84 4.17
N ASN A 221 -0.44 37.17 4.25
CA ASN A 221 -0.63 36.03 5.14
C ASN A 221 -1.31 34.82 4.50
N ASN A 222 -1.53 34.87 3.18
CA ASN A 222 -2.25 33.82 2.48
C ASN A 222 -1.71 33.61 1.08
N ILE A 223 -1.91 32.41 0.56
CA ILE A 223 -1.72 32.14 -0.85
C ILE A 223 -2.98 31.42 -1.37
N ARG A 224 -3.34 31.70 -2.63
CA ARG A 224 -4.51 31.10 -3.25
C ARG A 224 -4.16 30.66 -4.65
N ALA A 225 -4.60 29.45 -5.01
CA ALA A 225 -4.41 28.93 -6.36
C ALA A 225 -5.75 28.56 -6.96
N HIS A 226 -6.01 29.07 -8.17
CA HIS A 226 -7.23 28.80 -8.94
CA HIS A 226 -7.24 28.78 -8.91
C HIS A 226 -6.88 27.95 -10.15
N VAL A 227 -7.50 26.78 -10.28
CA VAL A 227 -7.39 25.99 -11.51
C VAL A 227 -8.76 25.39 -11.83
N GLY A 228 -9.24 25.60 -13.06
CA GLY A 228 -10.57 25.17 -13.44
C GLY A 228 -11.55 25.81 -12.48
N ASP A 229 -12.44 25.00 -11.92
CA ASP A 229 -13.46 25.50 -10.99
C ASP A 229 -13.13 25.16 -9.54
N PHE A 230 -11.85 25.00 -9.22
CA PHE A 230 -11.40 24.71 -7.86
C PHE A 230 -10.52 25.86 -7.35
N ILE A 231 -10.73 26.25 -6.11
CA ILE A 231 -9.96 27.32 -5.48
C ILE A 231 -9.41 26.81 -4.15
N PHE A 232 -8.08 26.83 -4.03
CA PHE A 232 -7.40 26.47 -2.79
C PHE A 232 -6.78 27.71 -2.15
N THR A 233 -6.96 27.83 -0.84
CA THR A 233 -6.39 28.93 -0.09
C THR A 233 -5.75 28.37 1.17
N SER A 234 -4.50 28.76 1.43
CA SER A 234 -3.81 28.39 2.66
C SER A 234 -3.22 29.61 3.33
N LYS A 235 -3.22 29.59 4.66
CA LYS A 235 -2.42 30.52 5.43
C LYS A 235 -0.94 30.24 5.14
N LEU A 236 -0.13 31.29 5.27
CA LEU A 236 1.32 31.18 5.15
C LEU A 236 1.98 30.99 6.51
N VAL A 237 3.28 30.72 6.49
CA VAL A 237 4.08 30.52 7.70
C VAL A 237 5.09 31.65 7.81
N ASP A 238 5.26 32.19 9.01
CA ASP A 238 6.26 33.23 9.23
C ASP A 238 7.54 32.59 9.76
N GLY A 239 8.66 33.21 9.41
CA GLY A 239 9.96 32.73 9.82
C GLY A 239 11.00 33.20 8.82
N ARG A 240 12.27 33.06 9.17
CA ARG A 240 13.36 33.49 8.29
C ARG A 240 14.00 32.27 7.63
N PHE A 241 13.51 31.96 6.44
CA PHE A 241 13.99 30.84 5.66
C PHE A 241 15.42 31.15 5.19
N PRO A 242 16.30 30.14 5.13
CA PRO A 242 17.64 30.40 4.62
C PRO A 242 17.66 30.86 3.17
N ASP A 243 18.66 31.66 2.83
CA ASP A 243 18.92 32.08 1.47
C ASP A 243 19.70 30.99 0.76
N TYR A 244 19.10 30.36 -0.26
CA TYR A 244 19.75 29.25 -0.98
C TYR A 244 21.07 29.70 -1.63
N ARG A 245 21.13 30.98 -2.01
CA ARG A 245 22.32 31.57 -2.67
CA ARG A 245 22.32 31.54 -2.69
C ARG A 245 23.56 31.42 -1.82
N ARG A 246 23.37 31.42 -0.50
CA ARG A 246 24.44 31.32 0.47
C ARG A 246 24.73 29.85 0.84
N VAL A 247 23.86 28.95 0.42
CA VAL A 247 24.02 27.52 0.70
C VAL A 247 24.72 26.81 -0.47
N LEU A 248 24.50 27.29 -1.69
CA LEU A 248 25.21 26.75 -2.86
C LEU A 248 26.71 26.91 -2.66
N PRO A 249 27.50 25.84 -2.88
CA PRO A 249 28.96 25.98 -2.79
C PRO A 249 29.48 27.12 -3.65
N LYS A 250 30.36 27.95 -3.09
CA LYS A 250 30.85 29.14 -3.77
C LYS A 250 31.64 28.84 -5.07
N ASN A 251 32.37 27.73 -5.09
CA ASN A 251 33.17 27.33 -6.26
C ASN A 251 33.53 25.84 -6.27
N PRO A 252 32.54 24.98 -6.56
CA PRO A 252 32.71 23.54 -6.54
C PRO A 252 33.28 23.06 -7.87
N ASP A 253 34.56 23.37 -8.09
CA ASP A 253 35.17 23.19 -9.41
C ASP A 253 35.68 21.77 -9.73
N LYS A 254 35.42 20.80 -8.84
CA LYS A 254 35.65 19.40 -9.17
C LYS A 254 34.33 18.84 -9.71
N HIS A 255 34.27 18.58 -11.01
CA HIS A 255 33.02 18.18 -11.67
C HIS A 255 33.04 16.71 -12.09
N LEU A 256 32.16 15.91 -11.51
CA LEU A 256 31.99 14.48 -11.81
C LEU A 256 30.67 14.27 -12.53
N GLU A 257 30.68 13.48 -13.61
CA GLU A 257 29.47 13.14 -14.34
C GLU A 257 29.32 11.62 -14.35
N ALA A 258 28.10 11.14 -14.10
CA ALA A 258 27.82 9.72 -14.11
C ALA A 258 26.37 9.46 -14.46
N GLY A 259 26.09 8.25 -14.95
CA GLY A 259 24.73 7.81 -15.18
C GLY A 259 23.95 7.85 -13.88
N CYS A 260 22.77 8.46 -13.91
CA CYS A 260 21.99 8.65 -12.69
C CYS A 260 21.55 7.31 -12.11
N ASP A 261 21.01 6.44 -12.96
CA ASP A 261 20.55 5.14 -12.50
C ASP A 261 21.70 4.23 -12.05
N LEU A 262 22.82 4.25 -12.76
CA LEU A 262 23.99 3.48 -12.31
C LEU A 262 24.44 3.97 -10.95
N LEU A 263 24.56 5.29 -10.81
CA LEU A 263 24.98 5.87 -9.55
C LEU A 263 24.00 5.52 -8.41
N LYS A 264 22.71 5.65 -8.70
CA LYS A 264 21.67 5.38 -7.70
C LYS A 264 21.72 3.94 -7.19
N GLN A 265 21.79 3.00 -8.13
CA GLN A 265 21.80 1.59 -7.81
C GLN A 265 23.03 1.21 -7.00
N ALA A 266 24.17 1.82 -7.31
CA ALA A 266 25.42 1.58 -6.55
C ALA A 266 25.30 2.06 -5.11
N PHE A 267 24.80 3.27 -4.94
CA PHE A 267 24.57 3.79 -3.59
C PHE A 267 23.53 2.94 -2.81
N ALA A 268 22.48 2.47 -3.49
CA ALA A 268 21.41 1.72 -2.82
C ALA A 268 21.91 0.36 -2.32
N ARG A 269 22.77 -0.31 -3.10
CA ARG A 269 23.45 -1.53 -2.63
C ARG A 269 24.41 -1.27 -1.47
N ALA A 270 25.29 -0.26 -1.60
CA ALA A 270 26.23 0.08 -0.52
C ALA A 270 25.47 0.40 0.77
N ALA A 271 24.33 1.08 0.63
CA ALA A 271 23.52 1.48 1.78
C ALA A 271 23.11 0.28 2.64
N ILE A 272 22.96 -0.88 2.01
CA ILE A 272 22.54 -2.09 2.74
C ILE A 272 23.45 -2.38 3.92
N LEU A 273 24.75 -2.12 3.74
CA LEU A 273 25.75 -2.38 4.78
C LEU A 273 26.28 -1.11 5.47
N SER A 274 25.54 -0.02 5.33
CA SER A 274 25.79 1.21 6.10
C SER A 274 25.11 1.14 7.47
N ASN A 275 25.55 2.04 8.36
CA ASN A 275 24.98 2.16 9.70
C ASN A 275 23.49 2.47 9.64
N GLU A 276 22.67 1.67 10.30
CA GLU A 276 21.21 1.81 10.19
C GLU A 276 20.70 3.18 10.65
N LYS A 277 21.33 3.75 11.68
CA LYS A 277 20.94 5.06 12.20
C LYS A 277 21.60 6.21 11.43
N PHE A 278 22.93 6.14 11.25
CA PHE A 278 23.71 7.25 10.68
C PHE A 278 23.90 7.19 9.16
N ARG A 279 23.85 5.99 8.58
CA ARG A 279 23.74 5.78 7.13
C ARG A 279 24.93 6.30 6.29
N GLY A 280 26.11 6.34 6.89
CA GLY A 280 27.28 6.94 6.25
C GLY A 280 27.92 6.06 5.19
N VAL A 281 28.22 6.64 4.03
CA VAL A 281 29.02 5.98 3.00
C VAL A 281 30.16 6.92 2.64
N ARG A 282 31.29 6.36 2.18
CA ARG A 282 32.45 7.14 1.74
C ARG A 282 32.58 7.07 0.23
N LEU A 283 32.97 8.19 -0.37
CA LEU A 283 33.18 8.33 -1.79
C LEU A 283 34.66 8.61 -1.99
N TYR A 284 35.30 7.88 -2.89
CA TYR A 284 36.68 8.12 -3.27
C TYR A 284 36.68 8.48 -4.74
N VAL A 285 37.03 9.72 -5.04
CA VAL A 285 36.97 10.21 -6.40
C VAL A 285 38.38 10.22 -6.99
N SER A 286 38.53 9.65 -8.18
CA SER A 286 39.82 9.66 -8.89
C SER A 286 39.56 9.70 -10.38
N GLU A 287 40.63 9.69 -11.17
CA GLU A 287 40.50 9.87 -12.61
C GLU A 287 39.48 8.92 -13.20
N ASN A 288 38.40 9.47 -13.74
CA ASN A 288 37.33 8.72 -14.37
C ASN A 288 36.79 7.53 -13.56
N GLN A 289 36.88 7.64 -12.23
CA GLN A 289 36.41 6.55 -11.37
C GLN A 289 35.86 7.09 -10.04
N LEU A 290 34.79 6.46 -9.57
CA LEU A 290 34.26 6.65 -8.23
C LEU A 290 34.19 5.29 -7.53
N LYS A 291 34.67 5.23 -6.29
CA LYS A 291 34.50 4.08 -5.43
C LYS A 291 33.65 4.48 -4.24
N ILE A 292 32.60 3.71 -3.98
CA ILE A 292 31.72 3.93 -2.82
C ILE A 292 31.93 2.80 -1.83
N THR A 293 32.18 3.14 -0.57
CA THR A 293 32.28 2.13 0.47
C THR A 293 31.30 2.38 1.59
N ALA A 294 30.97 1.30 2.29
CA ALA A 294 30.14 1.34 3.48
C ALA A 294 30.54 0.23 4.41
N ASN A 295 30.41 0.49 5.70
CA ASN A 295 30.53 -0.55 6.70
C ASN A 295 29.68 -0.21 7.91
N ASN A 296 29.38 -1.24 8.71
CA ASN A 296 28.49 -1.09 9.86
C ASN A 296 29.22 -1.55 11.12
N PRO A 297 28.60 -1.40 12.30
CA PRO A 297 29.33 -1.77 13.53
C PRO A 297 29.79 -3.23 13.55
N GLU A 298 29.03 -4.11 12.89
CA GLU A 298 29.39 -5.53 12.76
C GLU A 298 30.61 -5.77 11.85
N GLN A 299 31.08 -4.72 11.18
CA GLN A 299 32.23 -4.80 10.28
C GLN A 299 31.91 -5.56 9.00
N GLU A 300 30.64 -5.50 8.59
CA GLU A 300 30.26 -5.93 7.26
C GLU A 300 30.60 -4.76 6.36
N GLU A 301 30.96 -5.05 5.11
CA GLU A 301 31.51 -4.05 4.21
C GLU A 301 30.94 -4.17 2.82
N ALA A 302 30.61 -3.02 2.21
CA ALA A 302 30.27 -2.96 0.79
C ALA A 302 31.29 -2.09 0.05
N GLU A 303 31.59 -2.48 -1.19
CA GLU A 303 32.38 -1.66 -2.07
C GLU A 303 31.79 -1.67 -3.46
N GLU A 304 31.59 -0.47 -4.02
CA GLU A 304 31.18 -0.30 -5.41
C GLU A 304 32.21 0.54 -6.18
N ILE A 305 32.59 0.09 -7.37
CA ILE A 305 33.46 0.88 -8.26
C ILE A 305 32.72 1.14 -9.55
N LEU A 306 32.69 2.41 -9.97
CA LEU A 306 31.96 2.88 -11.15
C LEU A 306 32.88 3.64 -12.07
N ASP A 307 32.70 3.48 -13.37
CA ASP A 307 33.30 4.40 -14.32
C ASP A 307 32.46 5.68 -14.34
N VAL A 308 33.15 6.83 -14.27
CA VAL A 308 32.51 8.13 -14.37
C VAL A 308 33.41 9.03 -15.21
N THR A 309 32.93 10.23 -15.48
CA THR A 309 33.75 11.26 -16.12
C THR A 309 34.23 12.23 -15.05
N TYR A 310 35.51 12.11 -14.71
CA TYR A 310 36.16 13.00 -13.76
C TYR A 310 37.65 13.18 -14.07
N SER A 311 38.07 14.43 -14.25
CA SER A 311 39.49 14.77 -14.40
C SER A 311 39.88 15.85 -13.39
N GLY A 312 41.07 15.75 -12.83
CA GLY A 312 41.47 16.64 -11.74
C GLY A 312 41.66 15.88 -10.44
N ALA A 313 41.73 16.62 -9.34
CA ALA A 313 42.35 16.12 -8.12
C ALA A 313 41.53 15.04 -7.40
N GLU A 314 42.24 14.06 -6.85
CA GLU A 314 41.60 13.01 -6.07
C GLU A 314 41.12 13.58 -4.75
N MET A 315 40.00 13.04 -4.25
CA MET A 315 39.51 13.38 -2.91
C MET A 315 38.57 12.32 -2.37
N GLU A 316 38.32 12.38 -1.06
CA GLU A 316 37.41 11.49 -0.37
C GLU A 316 36.42 12.35 0.40
N ILE A 317 35.19 11.87 0.50
CA ILE A 317 34.15 12.58 1.22
C ILE A 317 33.10 11.58 1.72
N GLY A 318 32.56 11.82 2.91
CA GLY A 318 31.49 10.99 3.49
C GLY A 318 30.13 11.65 3.45
N PHE A 319 29.09 10.84 3.22
CA PHE A 319 27.71 11.32 3.15
C PHE A 319 26.72 10.35 3.79
N ASN A 320 25.65 10.91 4.32
CA ASN A 320 24.45 10.14 4.61
C ASN A 320 23.89 9.67 3.26
N VAL A 321 23.86 8.36 3.04
CA VAL A 321 23.47 7.82 1.74
C VAL A 321 22.00 8.05 1.42
N SER A 322 21.15 8.14 2.45
CA SER A 322 19.72 8.48 2.23
C SER A 322 19.56 9.81 1.53
N TYR A 323 20.34 10.82 1.95
CA TYR A 323 20.29 12.13 1.32
C TYR A 323 20.68 12.07 -0.15
N VAL A 324 21.69 11.27 -0.46
CA VAL A 324 22.17 11.18 -1.84
C VAL A 324 21.11 10.44 -2.66
N LEU A 325 20.58 9.35 -2.12
CA LEU A 325 19.55 8.58 -2.80
C LEU A 325 18.30 9.40 -3.07
N ASP A 326 17.89 10.20 -2.08
CA ASP A 326 16.73 11.10 -2.24
C ASP A 326 16.92 12.03 -3.45
N VAL A 327 18.08 12.66 -3.55
CA VAL A 327 18.40 13.51 -4.70
C VAL A 327 18.32 12.74 -6.02
N LEU A 328 19.00 11.59 -6.09
CA LEU A 328 19.06 10.82 -7.35
C LEU A 328 17.68 10.32 -7.79
N ASN A 329 16.85 9.96 -6.82
CA ASN A 329 15.47 9.55 -7.11
C ASN A 329 14.58 10.70 -7.55
N ALA A 330 14.93 11.93 -7.18
CA ALA A 330 14.17 13.11 -7.56
C ALA A 330 14.59 13.65 -8.93
N LEU A 331 15.79 13.30 -9.37
CA LEU A 331 16.34 13.84 -10.62
C LEU A 331 15.69 13.27 -11.88
N LYS A 332 15.35 11.99 -11.90
CA LYS A 332 14.64 11.38 -13.05
C LYS A 332 15.23 11.82 -14.38
N CYS A 333 16.52 11.56 -14.57
CA CYS A 333 17.23 11.99 -15.77
C CYS A 333 18.33 10.99 -16.10
N GLU A 334 19.02 11.23 -17.21
CA GLU A 334 20.02 10.30 -17.74
C GLU A 334 21.35 10.38 -16.99
N ASN A 335 21.93 11.58 -16.95
CA ASN A 335 23.24 11.80 -16.35
C ASN A 335 23.19 12.84 -15.22
N VAL A 336 23.97 12.60 -14.19
CA VAL A 336 24.05 13.51 -13.05
C VAL A 336 25.45 14.12 -13.02
N ARG A 337 25.50 15.37 -12.60
CA ARG A 337 26.73 16.10 -12.30
C ARG A 337 26.84 16.32 -10.79
N MET A 338 27.96 15.89 -10.20
CA MET A 338 28.27 16.18 -8.81
C MET A 338 29.41 17.18 -8.82
N MET A 339 29.20 18.30 -8.13
CA MET A 339 30.14 19.40 -8.11
C MET A 339 30.72 19.45 -6.70
N LEU A 340 32.02 19.17 -6.60
CA LEU A 340 32.70 19.00 -5.33
C LEU A 340 33.73 20.07 -5.06
N THR A 341 34.03 20.24 -3.77
CA THR A 341 34.95 21.25 -3.27
C THR A 341 36.06 20.58 -2.45
N ASP A 342 35.72 20.01 -1.30
CA ASP A 342 36.68 19.26 -0.52
C ASP A 342 35.95 18.35 0.47
N SER A 343 36.72 17.62 1.27
CA SER A 343 36.18 16.59 2.16
C SER A 343 35.27 17.11 3.27
N VAL A 344 35.30 18.41 3.54
CA VAL A 344 34.55 19.02 4.64
C VAL A 344 33.49 20.05 4.17
N SER A 345 33.25 20.10 2.86
CA SER A 345 32.31 21.04 2.29
C SER A 345 31.15 20.30 1.62
N SER A 346 30.02 20.98 1.50
CA SER A 346 28.85 20.39 0.88
CA SER A 346 28.85 20.40 0.87
C SER A 346 29.11 20.06 -0.59
N VAL A 347 28.34 19.11 -1.11
CA VAL A 347 28.34 18.80 -2.54
C VAL A 347 27.11 19.44 -3.18
N GLN A 348 27.25 19.90 -4.41
CA GLN A 348 26.12 20.31 -5.21
C GLN A 348 25.86 19.22 -6.26
N ILE A 349 24.59 18.87 -6.44
CA ILE A 349 24.21 17.82 -7.40
C ILE A 349 23.13 18.36 -8.33
N GLU A 350 23.30 18.11 -9.63
CA GLU A 350 22.32 18.54 -10.65
C GLU A 350 22.18 17.50 -11.77
N ASP A 351 21.07 17.59 -12.50
CA ASP A 351 20.92 16.91 -13.79
C ASP A 351 22.01 17.47 -14.69
N ALA A 352 22.80 16.61 -15.32
CA ALA A 352 23.87 17.10 -16.21
C ALA A 352 23.33 17.94 -17.36
N ALA A 353 22.06 17.75 -17.73
CA ALA A 353 21.47 18.42 -18.88
C ALA A 353 20.54 19.60 -18.53
N SER A 354 20.35 19.85 -17.22
CA SER A 354 19.52 20.98 -16.79
C SER A 354 20.01 21.61 -15.49
N GLN A 355 20.09 22.93 -15.49
CA GLN A 355 20.46 23.69 -14.31
C GLN A 355 19.23 24.23 -13.55
N SER A 356 18.03 23.82 -13.98
CA SER A 356 16.77 24.32 -13.41
C SER A 356 16.53 23.88 -11.95
N ALA A 357 17.18 22.81 -11.52
CA ALA A 357 17.17 22.42 -10.10
C ALA A 357 18.58 22.14 -9.62
N ALA A 358 18.82 22.42 -8.35
CA ALA A 358 20.08 22.06 -7.74
C ALA A 358 19.82 21.55 -6.32
N TYR A 359 20.71 20.67 -5.89
CA TYR A 359 20.61 19.97 -4.63
C TYR A 359 21.91 20.12 -3.89
N VAL A 360 21.84 20.45 -2.62
CA VAL A 360 23.04 20.65 -1.79
C VAL A 360 22.94 19.73 -0.58
N VAL A 361 23.99 18.92 -0.37
CA VAL A 361 24.05 17.97 0.75
C VAL A 361 25.33 18.19 1.56
N MET A 362 25.19 18.34 2.87
CA MET A 362 26.34 18.50 3.76
C MET A 362 27.06 17.17 3.96
N PRO A 363 28.40 17.20 4.08
CA PRO A 363 29.09 15.95 4.27
C PRO A 363 29.02 15.48 5.71
N MET A 364 29.42 14.24 5.95
CA MET A 364 29.56 13.70 7.30
C MET A 364 31.05 13.68 7.62
N MET B 1 33.25 -23.46 0.75
CA MET B 1 31.95 -23.31 0.02
C MET B 1 32.08 -22.21 -1.03
N LYS B 2 31.82 -22.58 -2.28
CA LYS B 2 31.77 -21.62 -3.38
C LYS B 2 30.68 -21.98 -4.35
N PHE B 3 30.07 -20.96 -4.93
CA PHE B 3 29.12 -21.13 -6.02
C PHE B 3 28.99 -19.81 -6.77
N THR B 4 28.58 -19.91 -8.03
CA THR B 4 28.25 -18.76 -8.82
C THR B 4 26.93 -19.05 -9.54
N VAL B 5 25.96 -18.15 -9.34
CA VAL B 5 24.60 -18.36 -9.85
CA VAL B 5 24.58 -18.36 -9.81
C VAL B 5 24.04 -17.05 -10.38
N GLU B 6 23.15 -17.14 -11.37
CA GLU B 6 22.45 -15.98 -11.91
C GLU B 6 21.51 -15.42 -10.87
N ARG B 7 21.45 -14.09 -10.81
CA ARG B 7 20.61 -13.36 -9.88
C ARG B 7 19.21 -13.92 -9.78
N GLU B 8 18.54 -14.08 -10.91
CA GLU B 8 17.11 -14.45 -10.88
C GLU B 8 16.92 -15.85 -10.35
N HIS B 9 17.89 -16.74 -10.58
CA HIS B 9 17.82 -18.10 -10.03
C HIS B 9 17.94 -18.12 -8.52
N LEU B 10 18.38 -17.01 -7.95
CA LEU B 10 18.49 -16.88 -6.51
C LEU B 10 17.28 -16.18 -5.87
N LEU B 11 16.70 -15.22 -6.58
CA LEU B 11 15.65 -14.37 -6.01
C LEU B 11 14.34 -15.07 -5.64
N LYS B 12 13.81 -15.92 -6.51
CA LYS B 12 12.57 -16.62 -6.16
C LYS B 12 12.79 -17.55 -4.96
N PRO B 13 13.85 -18.37 -4.97
CA PRO B 13 14.19 -19.15 -3.77
C PRO B 13 14.40 -18.27 -2.53
N LEU B 14 15.05 -17.11 -2.68
CA LEU B 14 15.26 -16.23 -1.53
C LEU B 14 13.95 -15.70 -0.93
N GLN B 15 13.02 -15.29 -1.79
CA GLN B 15 11.68 -14.86 -1.38
CA GLN B 15 11.68 -14.85 -1.35
C GLN B 15 11.02 -15.95 -0.54
N GLN B 16 11.13 -17.19 -1.01
CA GLN B 16 10.49 -18.32 -0.34
C GLN B 16 11.06 -18.60 1.03
N VAL B 17 12.38 -18.53 1.17
CA VAL B 17 13.01 -18.90 2.43
C VAL B 17 13.06 -17.76 3.47
N SER B 18 12.73 -16.54 3.04
CA SER B 18 12.66 -15.39 3.94
C SER B 18 11.34 -15.35 4.72
N GLY B 19 10.30 -15.95 4.14
CA GLY B 19 9.01 -16.15 4.79
C GLY B 19 9.01 -16.47 6.29
N PRO B 20 9.60 -17.63 6.69
CA PRO B 20 9.53 -18.03 8.11
C PRO B 20 10.19 -17.04 9.06
N PRO B 28 18.04 -15.01 16.49
CA PRO B 28 19.33 -14.49 16.01
C PRO B 28 19.77 -15.19 14.72
N ILE B 29 20.13 -16.48 14.83
CA ILE B 29 20.38 -17.28 13.65
C ILE B 29 19.07 -17.47 12.86
N LEU B 30 17.93 -17.30 13.53
CA LEU B 30 16.61 -17.32 12.88
C LEU B 30 16.42 -16.22 11.85
N GLY B 31 17.22 -15.16 11.97
CA GLY B 31 17.27 -14.10 10.96
C GLY B 31 18.21 -14.43 9.81
N ASN B 32 18.89 -15.57 9.89
CA ASN B 32 19.82 -16.02 8.83
C ASN B 32 19.24 -17.13 7.96
N LEU B 33 19.80 -17.27 6.76
CA LEU B 33 19.51 -18.40 5.90
C LEU B 33 20.65 -19.40 5.95
N LEU B 34 20.31 -20.67 6.09
CA LEU B 34 21.27 -21.75 5.90
C LEU B 34 21.53 -21.94 4.40
N LEU B 35 22.80 -21.87 4.01
CA LEU B 35 23.24 -22.13 2.65
C LEU B 35 24.09 -23.40 2.64
N GLN B 36 23.75 -24.36 1.78
CA GLN B 36 24.56 -25.60 1.66
C GLN B 36 24.84 -25.90 0.21
N VAL B 37 26.11 -26.14 -0.12
CA VAL B 37 26.47 -26.62 -1.45
C VAL B 37 26.82 -28.09 -1.30
N ALA B 38 26.04 -28.95 -1.97
CA ALA B 38 26.27 -30.40 -1.93
C ALA B 38 25.76 -31.06 -3.20
N ASP B 39 26.51 -32.06 -3.68
CA ASP B 39 26.13 -32.87 -4.84
C ASP B 39 25.42 -32.06 -5.94
N GLY B 40 26.07 -30.99 -6.40
CA GLY B 40 25.58 -30.18 -7.53
C GLY B 40 24.43 -29.23 -7.24
N THR B 41 24.08 -29.05 -5.97
CA THR B 41 22.90 -28.28 -5.57
C THR B 41 23.18 -27.28 -4.45
N LEU B 42 22.65 -26.07 -4.61
CA LEU B 42 22.61 -25.09 -3.56
C LEU B 42 21.24 -25.17 -2.92
N SER B 43 21.21 -25.45 -1.62
CA SER B 43 19.98 -25.44 -0.86
C SER B 43 19.99 -24.24 0.07
N LEU B 44 18.85 -23.55 0.15
CA LEU B 44 18.66 -22.45 1.09
C LEU B 44 17.55 -22.81 2.05
N THR B 45 17.76 -22.57 3.33
CA THR B 45 16.74 -22.83 4.33
C THR B 45 16.51 -21.65 5.25
N GLY B 46 15.23 -21.37 5.50
CA GLY B 46 14.82 -20.42 6.52
C GLY B 46 13.88 -21.10 7.49
N THR B 47 13.89 -20.63 8.74
CA THR B 47 13.04 -21.21 9.79
C THR B 47 12.74 -20.19 10.88
N ASP B 48 11.62 -20.39 11.56
CA ASP B 48 11.29 -19.66 12.79
C ASP B 48 11.05 -20.61 13.97
N LEU B 49 11.49 -21.86 13.83
CA LEU B 49 11.28 -22.94 14.80
C LEU B 49 9.89 -23.61 14.80
N GLU B 50 8.89 -22.93 14.24
CA GLU B 50 7.55 -23.48 14.06
C GLU B 50 7.43 -24.11 12.67
N MET B 51 8.04 -23.46 11.69
CA MET B 51 8.01 -23.91 10.32
C MET B 51 9.32 -23.60 9.63
N GLU B 52 9.54 -24.24 8.49
CA GLU B 52 10.77 -24.10 7.75
C GLU B 52 10.46 -24.17 6.25
N MET B 53 11.23 -23.44 5.46
CA MET B 53 11.18 -23.56 4.01
C MET B 53 12.58 -23.90 3.51
N VAL B 54 12.66 -24.86 2.60
CA VAL B 54 13.90 -25.24 1.93
C VAL B 54 13.68 -25.02 0.42
N ALA B 55 14.65 -24.38 -0.23
CA ALA B 55 14.62 -24.17 -1.67
C ALA B 55 15.91 -24.72 -2.27
N ARG B 56 15.80 -25.43 -3.38
CA ARG B 56 16.96 -26.01 -4.03
C ARG B 56 17.19 -25.34 -5.39
N VAL B 57 18.47 -25.09 -5.70
CA VAL B 57 18.91 -24.43 -6.92
C VAL B 57 20.02 -25.28 -7.55
N ALA B 58 19.81 -25.73 -8.78
CA ALA B 58 20.83 -26.50 -9.50
C ALA B 58 22.05 -25.61 -9.76
N LEU B 59 23.25 -26.17 -9.62
CA LEU B 59 24.49 -25.41 -9.85
C LEU B 59 25.16 -25.93 -11.12
N VAL B 60 24.99 -25.19 -12.21
CA VAL B 60 25.57 -25.54 -13.52
C VAL B 60 27.00 -25.02 -13.68
N GLN B 61 27.38 -24.05 -12.84
CA GLN B 61 28.72 -23.49 -12.87
C GLN B 61 29.57 -24.15 -11.78
N PRO B 62 30.91 -24.08 -11.92
CA PRO B 62 31.81 -24.65 -10.91
C PRO B 62 31.50 -24.20 -9.49
N HIS B 63 31.68 -25.11 -8.53
CA HIS B 63 31.27 -24.89 -7.16
C HIS B 63 32.07 -25.78 -6.25
N GLU B 64 32.10 -25.45 -4.98
CA GLU B 64 32.80 -26.22 -3.98
C GLU B 64 31.87 -26.40 -2.78
N PRO B 65 31.85 -27.62 -2.21
CA PRO B 65 30.90 -27.90 -1.17
C PRO B 65 31.22 -27.18 0.13
N GLY B 66 30.20 -27.12 0.99
CA GLY B 66 30.34 -26.53 2.30
C GLY B 66 29.03 -25.89 2.66
N ALA B 67 28.95 -25.38 3.88
CA ALA B 67 27.72 -24.77 4.39
C ALA B 67 28.03 -23.60 5.32
N THR B 68 27.15 -22.61 5.32
CA THR B 68 27.20 -21.52 6.28
C THR B 68 25.80 -20.91 6.44
N THR B 69 25.70 -19.90 7.29
CA THR B 69 24.47 -19.10 7.39
C THR B 69 24.81 -17.62 7.29
N VAL B 70 23.92 -16.85 6.66
CA VAL B 70 24.09 -15.41 6.49
C VAL B 70 22.78 -14.66 6.74
N PRO B 71 22.86 -13.37 7.07
CA PRO B 71 21.65 -12.56 7.30
C PRO B 71 20.76 -12.55 6.07
N ALA B 72 19.50 -12.93 6.26
CA ALA B 72 18.59 -13.19 5.15
C ALA B 72 18.24 -11.89 4.41
N ARG B 73 17.77 -10.91 5.16
CA ARG B 73 17.35 -9.62 4.60
C ARG B 73 18.49 -8.98 3.81
N LYS B 74 19.65 -8.89 4.44
CA LYS B 74 20.80 -8.28 3.76
C LYS B 74 21.20 -9.04 2.51
N PHE B 75 21.27 -10.37 2.59
CA PHE B 75 21.69 -11.15 1.42
C PHE B 75 20.66 -10.99 0.29
N PHE B 76 19.39 -11.11 0.65
CA PHE B 76 18.30 -10.91 -0.32
C PHE B 76 18.37 -9.50 -0.93
N ASP B 77 18.50 -8.48 -0.09
CA ASP B 77 18.51 -7.10 -0.59
C ASP B 77 19.69 -6.84 -1.54
N ILE B 78 20.85 -7.39 -1.21
CA ILE B 78 22.02 -7.29 -2.08
C ILE B 78 21.76 -7.95 -3.44
N CYS B 79 21.23 -9.18 -3.40
CA CYS B 79 20.92 -9.89 -4.63
C CYS B 79 19.86 -9.13 -5.45
N ARG B 80 18.82 -8.63 -4.78
CA ARG B 80 17.75 -7.92 -5.50
C ARG B 80 18.28 -6.61 -6.07
N GLY B 81 19.23 -5.99 -5.36
CA GLY B 81 19.77 -4.68 -5.78
C GLY B 81 20.72 -4.74 -6.95
N LEU B 82 21.28 -5.92 -7.19
CA LEU B 82 22.16 -6.15 -8.33
C LEU B 82 21.32 -6.11 -9.63
N PRO B 83 21.98 -5.83 -10.77
CA PRO B 83 21.26 -5.67 -12.03
C PRO B 83 20.69 -6.97 -12.57
N GLU B 84 19.61 -6.85 -13.33
CA GLU B 84 18.94 -7.97 -13.99
C GLU B 84 19.96 -8.90 -14.64
N GLY B 85 19.90 -10.18 -14.30
CA GLY B 85 20.76 -11.20 -14.93
C GLY B 85 22.24 -11.22 -14.53
N ALA B 86 22.60 -10.46 -13.50
CA ALA B 86 23.97 -10.46 -12.99
C ALA B 86 24.35 -11.86 -12.51
N GLU B 87 25.62 -12.21 -12.66
CA GLU B 87 26.17 -13.44 -12.09
C GLU B 87 26.65 -13.10 -10.68
N ILE B 88 26.25 -13.90 -9.71
CA ILE B 88 26.59 -13.68 -8.31
C ILE B 88 27.53 -14.77 -7.81
N ALA B 89 28.74 -14.37 -7.42
CA ALA B 89 29.77 -15.29 -6.97
C ALA B 89 29.86 -15.18 -5.47
N VAL B 90 29.80 -16.33 -4.81
CA VAL B 90 29.74 -16.38 -3.36
C VAL B 90 30.81 -17.34 -2.86
N GLN B 91 31.67 -16.87 -1.97
CA GLN B 91 32.63 -17.75 -1.35
C GLN B 91 32.78 -17.45 0.12
N LEU B 92 33.01 -18.52 0.87
CA LEU B 92 33.14 -18.44 2.32
C LEU B 92 34.62 -18.15 2.57
N GLU B 93 34.88 -17.10 3.33
CA GLU B 93 36.25 -16.69 3.65
C GLU B 93 36.33 -16.38 5.13
N GLY B 94 36.82 -17.36 5.90
CA GLY B 94 36.92 -17.24 7.35
C GLY B 94 35.54 -17.21 7.96
N GLU B 95 35.26 -16.18 8.75
CA GLU B 95 33.96 -15.96 9.36
C GLU B 95 33.04 -15.05 8.51
N ARG B 96 33.48 -14.67 7.32
CA ARG B 96 32.67 -13.81 6.45
C ARG B 96 32.28 -14.55 5.17
N MET B 97 31.13 -14.18 4.60
CA MET B 97 30.75 -14.65 3.29
C MET B 97 30.90 -13.51 2.30
N LEU B 98 31.72 -13.75 1.29
CA LEU B 98 31.98 -12.78 0.26
C LEU B 98 31.02 -12.97 -0.90
N VAL B 99 30.39 -11.88 -1.31
CA VAL B 99 29.50 -11.85 -2.46
C VAL B 99 30.07 -10.87 -3.48
N ARG B 100 30.27 -11.33 -4.71
CA ARG B 100 30.83 -10.52 -5.77
C ARG B 100 30.02 -10.58 -7.05
N SER B 101 29.79 -9.42 -7.64
CA SER B 101 29.18 -9.38 -8.95
C SER B 101 29.65 -8.11 -9.63
N GLY B 102 30.25 -8.26 -10.81
CA GLY B 102 30.90 -7.16 -11.49
C GLY B 102 31.92 -6.52 -10.56
N ARG B 103 31.81 -5.20 -10.36
CA ARG B 103 32.68 -4.50 -9.42
CA ARG B 103 32.67 -4.47 -9.43
C ARG B 103 31.89 -4.07 -8.18
N SER B 104 30.89 -4.87 -7.82
CA SER B 104 30.18 -4.74 -6.57
C SER B 104 30.70 -5.86 -5.68
N ARG B 105 31.10 -5.53 -4.46
CA ARG B 105 31.60 -6.53 -3.51
C ARG B 105 31.02 -6.33 -2.14
N PHE B 106 30.71 -7.43 -1.47
CA PHE B 106 30.12 -7.38 -0.14
C PHE B 106 30.72 -8.46 0.74
N SER B 107 30.90 -8.12 2.00
CA SER B 107 31.38 -9.04 3.03
C SER B 107 30.31 -9.06 4.12
N LEU B 108 29.68 -10.22 4.29
CA LEU B 108 28.61 -10.42 5.26
C LEU B 108 29.06 -11.28 6.44
N SER B 109 28.54 -10.97 7.61
CA SER B 109 28.80 -11.76 8.81
C SER B 109 28.15 -13.12 8.66
N THR B 110 28.77 -14.17 9.20
CA THR B 110 28.17 -15.50 9.17
C THR B 110 27.98 -16.06 10.56
N LEU B 111 27.07 -17.02 10.67
CA LEU B 111 26.95 -17.86 11.85
C LEU B 111 27.07 -19.31 11.41
N PRO B 112 27.71 -20.16 12.25
CA PRO B 112 28.00 -21.54 11.85
C PRO B 112 26.74 -22.33 11.45
N ALA B 113 26.86 -23.10 10.37
CA ALA B 113 25.77 -23.96 9.91
C ALA B 113 25.39 -24.99 10.97
N ALA B 114 26.38 -25.44 11.75
CA ALA B 114 26.16 -26.37 12.85
C ALA B 114 25.16 -25.86 13.89
N ASP B 115 25.00 -24.54 13.98
CA ASP B 115 24.05 -23.92 14.92
C ASP B 115 22.64 -23.74 14.34
N PHE B 116 22.47 -23.97 13.05
CA PHE B 116 21.15 -23.75 12.44
C PHE B 116 20.18 -24.81 12.94
N PRO B 117 19.05 -24.38 13.52
CA PRO B 117 18.17 -25.35 14.16
C PRO B 117 17.40 -26.18 13.17
N ASN B 118 17.26 -27.47 13.48
CA ASN B 118 16.42 -28.40 12.71
C ASN B 118 15.07 -28.57 13.38
N LEU B 119 14.03 -28.76 12.57
CA LEU B 119 12.74 -29.20 13.08
C LEU B 119 12.86 -30.65 13.55
N ASP B 120 12.02 -31.05 14.51
CA ASP B 120 12.06 -32.40 15.04
C ASP B 120 11.73 -33.40 13.92
N ASP B 121 12.27 -34.61 14.05
CA ASP B 121 12.02 -35.65 13.06
C ASP B 121 10.62 -36.22 13.30
N TRP B 122 9.99 -36.74 12.24
CA TRP B 122 8.62 -37.24 12.36
C TRP B 122 8.31 -38.19 11.21
N GLN B 123 7.24 -38.96 11.36
CA GLN B 123 6.82 -39.95 10.38
C GLN B 123 5.54 -39.52 9.65
N SER B 124 5.54 -39.66 8.34
CA SER B 124 4.38 -39.32 7.52
C SER B 124 3.34 -40.43 7.62
N GLU B 125 2.09 -40.07 7.91
CA GLU B 125 1.04 -41.08 8.03
CA GLU B 125 1.01 -41.03 8.10
C GLU B 125 -0.08 -40.92 7.01
N VAL B 126 -0.22 -39.72 6.45
CA VAL B 126 -1.24 -39.47 5.41
C VAL B 126 -0.61 -38.64 4.30
N GLU B 127 -0.79 -39.09 3.05
CA GLU B 127 -0.17 -38.43 1.92
C GLU B 127 -1.10 -38.40 0.72
N PHE B 128 -0.97 -37.33 -0.05
CA PHE B 128 -1.70 -37.17 -1.30
C PHE B 128 -1.03 -36.15 -2.18
N THR B 129 -1.30 -36.24 -3.48
CA THR B 129 -0.78 -35.33 -4.46
C THR B 129 -1.97 -34.67 -5.14
N LEU B 130 -1.86 -33.37 -5.40
CA LEU B 130 -2.91 -32.67 -6.08
C LEU B 130 -2.34 -31.51 -6.90
N PRO B 131 -3.12 -31.01 -7.86
CA PRO B 131 -2.67 -29.83 -8.59
C PRO B 131 -2.53 -28.63 -7.65
N GLN B 132 -1.46 -27.86 -7.82
CA GLN B 132 -1.27 -26.62 -7.07
C GLN B 132 -2.51 -25.74 -7.07
N ALA B 133 -3.12 -25.60 -8.23
CA ALA B 133 -4.29 -24.74 -8.37
C ALA B 133 -5.39 -25.14 -7.40
N THR B 134 -5.51 -26.44 -7.12
CA THR B 134 -6.53 -26.93 -6.20
C THR B 134 -6.25 -26.48 -4.77
N MET B 135 -5.01 -26.64 -4.31
CA MET B 135 -4.65 -26.16 -2.97
C MET B 135 -4.80 -24.65 -2.86
N LYS B 136 -4.40 -23.93 -3.90
CA LYS B 136 -4.55 -22.45 -3.88
C LYS B 136 -6.03 -22.04 -3.79
N ARG B 137 -6.90 -22.72 -4.54
CA ARG B 137 -8.33 -22.49 -4.45
C ARG B 137 -8.82 -22.74 -3.01
N LEU B 138 -8.39 -23.87 -2.44
CA LEU B 138 -8.86 -24.27 -1.11
C LEU B 138 -8.48 -23.24 -0.04
N ILE B 139 -7.25 -22.76 -0.09
CA ILE B 139 -6.78 -21.82 0.92
C ILE B 139 -7.35 -20.41 0.70
N GLU B 140 -7.28 -19.91 -0.53
CA GLU B 140 -7.77 -18.56 -0.85
CA GLU B 140 -7.74 -18.55 -0.80
C GLU B 140 -9.24 -18.41 -0.53
N ALA B 141 -10.00 -19.50 -0.70
CA ALA B 141 -11.44 -19.51 -0.43
C ALA B 141 -11.79 -19.27 1.03
N THR B 142 -10.86 -19.60 1.94
CA THR B 142 -11.20 -19.64 3.37
C THR B 142 -10.28 -18.85 4.28
N GLN B 143 -9.07 -18.51 3.82
CA GLN B 143 -8.03 -17.89 4.64
C GLN B 143 -8.51 -16.68 5.43
N PHE B 144 -9.33 -15.85 4.80
CA PHE B 144 -9.80 -14.59 5.39
C PHE B 144 -10.61 -14.78 6.68
N SER B 145 -11.15 -16.00 6.91
CA SER B 145 -11.98 -16.26 8.07
C SER B 145 -11.24 -16.89 9.25
N MET B 146 -9.92 -17.08 9.15
CA MET B 146 -9.13 -17.60 10.29
C MET B 146 -9.05 -16.54 11.37
N ALA B 147 -9.04 -16.95 12.64
CA ALA B 147 -8.75 -16.02 13.73
C ALA B 147 -7.31 -15.53 13.60
N HIS B 148 -7.00 -14.40 14.22
CA HIS B 148 -5.64 -13.85 14.14
C HIS B 148 -4.78 -14.21 15.34
N GLN B 149 -5.17 -13.73 16.51
CA GLN B 149 -4.45 -14.03 17.74
C GLN B 149 -5.46 -14.24 18.86
N ASP B 150 -6.43 -15.13 18.62
CA ASP B 150 -7.44 -15.43 19.61
C ASP B 150 -6.82 -16.26 20.74
N VAL B 151 -7.24 -16.05 21.99
CA VAL B 151 -6.74 -16.89 23.08
C VAL B 151 -7.15 -18.35 22.85
N ARG B 152 -8.26 -18.55 22.13
CA ARG B 152 -8.64 -19.87 21.64
C ARG B 152 -7.72 -20.19 20.47
N TYR B 153 -6.54 -20.71 20.81
CA TYR B 153 -5.42 -20.84 19.90
C TYR B 153 -5.71 -21.75 18.69
N TYR B 154 -6.60 -22.72 18.87
CA TYR B 154 -7.02 -23.64 17.81
C TYR B 154 -7.80 -22.97 16.65
N LEU B 155 -8.22 -21.72 16.83
CA LEU B 155 -8.85 -20.95 15.73
C LEU B 155 -7.84 -20.17 14.88
N ASN B 156 -6.61 -20.03 15.36
CA ASN B 156 -5.58 -19.24 14.70
C ASN B 156 -4.87 -20.09 13.65
N GLY B 157 -5.67 -20.60 12.73
CA GLY B 157 -5.19 -21.52 11.73
C GLY B 157 -6.36 -22.03 10.91
N MET B 158 -6.11 -23.10 10.16
CA MET B 158 -7.03 -23.60 9.16
C MET B 158 -7.13 -25.09 9.30
N LEU B 159 -8.34 -25.61 9.37
CA LEU B 159 -8.56 -27.05 9.38
C LEU B 159 -8.34 -27.61 7.99
N PHE B 160 -7.60 -28.70 7.90
CA PHE B 160 -7.47 -29.47 6.67
C PHE B 160 -8.04 -30.85 6.97
N GLU B 161 -9.10 -31.20 6.25
CA GLU B 161 -9.92 -32.36 6.54
C GLU B 161 -9.98 -33.24 5.28
N THR B 162 -9.66 -34.52 5.42
CA THR B 162 -9.77 -35.45 4.30
C THR B 162 -10.92 -36.38 4.60
N GLU B 163 -11.70 -36.67 3.58
CA GLU B 163 -12.84 -37.58 3.70
C GLU B 163 -13.22 -38.08 2.30
N GLY B 164 -13.36 -39.39 2.15
CA GLY B 164 -13.60 -40.00 0.84
C GLY B 164 -12.46 -39.65 -0.10
N GLU B 165 -12.78 -38.94 -1.18
CA GLU B 165 -11.78 -38.51 -2.13
C GLU B 165 -11.69 -36.98 -2.11
N GLU B 166 -12.16 -36.39 -1.02
CA GLU B 166 -12.26 -34.96 -0.90
C GLU B 166 -11.27 -34.41 0.12
N LEU B 167 -10.62 -33.31 -0.24
CA LEU B 167 -9.88 -32.48 0.69
C LEU B 167 -10.69 -31.21 0.95
N ARG B 168 -10.78 -30.83 2.22
CA ARG B 168 -11.55 -29.67 2.64
C ARG B 168 -10.72 -28.77 3.56
N THR B 169 -10.88 -27.47 3.38
CA THR B 169 -10.34 -26.48 4.32
C THR B 169 -11.51 -25.81 5.04
N VAL B 170 -11.29 -25.48 6.29
CA VAL B 170 -12.28 -24.80 7.10
C VAL B 170 -11.59 -23.74 7.93
N ALA B 171 -12.19 -22.56 8.01
CA ALA B 171 -11.67 -21.50 8.84
C ALA B 171 -12.79 -20.74 9.52
N THR B 172 -12.56 -20.41 10.77
CA THR B 172 -13.46 -19.56 11.52
C THR B 172 -12.70 -18.76 12.56
N ASP B 173 -13.23 -17.58 12.84
CA ASP B 173 -12.71 -16.71 13.87
C ASP B 173 -13.59 -16.76 15.11
N GLY B 174 -14.49 -17.73 15.18
CA GLY B 174 -15.45 -17.81 16.27
C GLY B 174 -16.75 -17.08 15.98
N HIS B 175 -16.88 -16.45 14.81
CA HIS B 175 -18.08 -15.65 14.49
C HIS B 175 -18.64 -15.98 13.12
N ARG B 176 -17.78 -16.05 12.11
CA ARG B 176 -18.18 -16.42 10.75
C ARG B 176 -17.32 -17.58 10.24
N LEU B 177 -17.83 -18.27 9.23
CA LEU B 177 -17.28 -19.56 8.82
C LEU B 177 -17.05 -19.56 7.32
N ALA B 178 -15.92 -20.13 6.91
CA ALA B 178 -15.62 -20.39 5.49
C ALA B 178 -15.24 -21.87 5.34
N VAL B 179 -15.79 -22.52 4.33
CA VAL B 179 -15.51 -23.91 4.03
C VAL B 179 -15.25 -24.02 2.53
N CYS B 180 -14.25 -24.80 2.13
CA CYS B 180 -14.07 -25.12 0.72
C CYS B 180 -13.68 -26.60 0.58
N SER B 181 -14.34 -27.30 -0.34
CA SER B 181 -14.17 -28.74 -0.51
C SER B 181 -13.89 -29.06 -1.99
N MET B 182 -12.88 -29.88 -2.26
CA MET B 182 -12.51 -30.23 -3.62
C MET B 182 -12.20 -31.73 -3.73
N PRO B 183 -12.77 -32.40 -4.74
CA PRO B 183 -12.34 -33.79 -5.00
C PRO B 183 -10.92 -33.80 -5.52
N ILE B 184 -10.10 -34.72 -5.05
CA ILE B 184 -8.73 -34.81 -5.55
C ILE B 184 -8.39 -36.17 -6.17
N GLY B 185 -9.39 -37.04 -6.32
CA GLY B 185 -9.22 -38.24 -7.16
C GLY B 185 -8.34 -39.30 -6.55
N GLN B 186 -8.29 -39.33 -5.21
CA GLN B 186 -7.64 -40.42 -4.49
C GLN B 186 -8.38 -40.73 -3.21
N SER B 187 -8.40 -42.01 -2.89
CA SER B 187 -9.08 -42.50 -1.72
C SER B 187 -8.27 -42.09 -0.51
N LEU B 188 -8.91 -41.38 0.43
CA LEU B 188 -8.23 -40.83 1.59
C LEU B 188 -8.82 -41.37 2.86
N PRO B 189 -8.00 -41.50 3.91
CA PRO B 189 -8.51 -41.79 5.24
C PRO B 189 -9.22 -40.57 5.78
N SER B 190 -10.20 -40.81 6.63
CA SER B 190 -10.92 -39.71 7.29
CA SER B 190 -10.93 -39.73 7.30
C SER B 190 -10.02 -39.15 8.37
N HIS B 191 -9.52 -37.92 8.13
CA HIS B 191 -8.48 -37.34 8.98
C HIS B 191 -8.62 -35.82 9.04
N SER B 192 -8.10 -35.21 10.10
CA SER B 192 -8.30 -33.78 10.31
C SER B 192 -7.08 -33.22 11.04
N VAL B 193 -6.51 -32.10 10.55
CA VAL B 193 -5.43 -31.38 11.27
C VAL B 193 -5.61 -29.86 11.15
N ILE B 194 -4.98 -29.13 12.06
CA ILE B 194 -5.03 -27.66 12.05
C ILE B 194 -3.63 -27.14 11.75
N VAL B 195 -3.53 -26.40 10.66
CA VAL B 195 -2.28 -25.78 10.24
C VAL B 195 -2.25 -24.35 10.79
N PRO B 196 -1.13 -23.95 11.45
CA PRO B 196 -1.08 -22.58 12.01
C PRO B 196 -1.22 -21.50 10.95
N ARG B 197 -1.83 -20.37 11.30
CA ARG B 197 -2.15 -19.37 10.29
C ARG B 197 -0.92 -18.89 9.51
N LYS B 198 0.22 -18.73 10.16
CA LYS B 198 1.42 -18.32 9.45
C LYS B 198 1.88 -19.37 8.45
N GLY B 199 1.72 -20.64 8.80
CA GLY B 199 2.00 -21.76 7.91
C GLY B 199 1.10 -21.76 6.69
N VAL B 200 -0.20 -21.52 6.91
CA VAL B 200 -1.16 -21.37 5.80
C VAL B 200 -0.70 -20.31 4.82
N ILE B 201 -0.34 -19.14 5.35
CA ILE B 201 0.15 -18.02 4.53
C ILE B 201 1.40 -18.39 3.75
N GLU B 202 2.37 -19.02 4.42
CA GLU B 202 3.62 -19.42 3.78
C GLU B 202 3.37 -20.51 2.71
N LEU B 203 2.50 -21.46 3.02
CA LEU B 203 2.10 -22.51 2.06
C LEU B 203 1.48 -21.86 0.82
N MET B 204 0.51 -20.98 1.07
CA MET B 204 -0.18 -20.30 -0.02
CA MET B 204 -0.18 -20.30 -0.03
C MET B 204 0.81 -19.62 -0.95
N ARG B 205 1.80 -18.95 -0.37
CA ARG B 205 2.72 -18.14 -1.14
C ARG B 205 3.86 -18.97 -1.80
N MET B 206 3.98 -20.23 -1.41
CA MET B 206 4.89 -21.15 -2.09
C MET B 206 4.30 -21.68 -3.41
N LEU B 207 3.00 -21.50 -3.62
CA LEU B 207 2.31 -22.04 -4.78
C LEU B 207 2.36 -21.01 -5.89
N ASP B 208 3.21 -21.28 -6.90
CA ASP B 208 3.61 -20.26 -7.86
C ASP B 208 2.71 -20.14 -9.06
N GLY B 209 1.57 -20.83 -9.07
CA GLY B 209 0.64 -20.76 -10.18
C GLY B 209 1.03 -21.57 -11.43
N GLY B 210 2.02 -22.46 -11.30
CA GLY B 210 2.50 -23.26 -12.45
C GLY B 210 2.00 -24.69 -12.46
N ASP B 211 2.63 -25.52 -13.28
CA ASP B 211 2.19 -26.88 -13.53
C ASP B 211 2.84 -27.96 -12.66
N ASN B 212 3.69 -27.56 -11.73
CA ASN B 212 4.25 -28.51 -10.77
C ASN B 212 3.17 -28.99 -9.82
N PRO B 213 3.00 -30.32 -9.67
CA PRO B 213 2.05 -30.83 -8.70
C PRO B 213 2.57 -30.65 -7.27
N LEU B 214 1.64 -30.64 -6.32
CA LEU B 214 1.94 -30.46 -4.92
C LEU B 214 1.79 -31.79 -4.20
N ARG B 215 2.82 -32.18 -3.45
CA ARG B 215 2.75 -33.39 -2.63
C ARG B 215 2.64 -33.00 -1.17
N VAL B 216 1.59 -33.49 -0.52
CA VAL B 216 1.36 -33.20 0.89
C VAL B 216 1.55 -34.48 1.72
N GLN B 217 2.28 -34.33 2.82
CA GLN B 217 2.52 -35.39 3.78
C GLN B 217 2.15 -34.86 5.15
N ILE B 218 1.29 -35.60 5.85
CA ILE B 218 0.79 -35.20 7.15
C ILE B 218 1.18 -36.26 8.17
N GLY B 219 1.85 -35.80 9.24
CA GLY B 219 2.15 -36.64 10.41
C GLY B 219 1.23 -36.33 11.57
N SER B 220 1.51 -36.91 12.73
CA SER B 220 0.70 -36.64 13.94
C SER B 220 0.72 -35.17 14.32
N ASN B 221 1.89 -34.55 14.19
CA ASN B 221 2.14 -33.21 14.72
C ASN B 221 2.79 -32.27 13.73
N ASN B 222 2.89 -32.67 12.46
CA ASN B 222 3.58 -31.92 11.43
C ASN B 222 2.92 -32.09 10.07
N ILE B 223 3.17 -31.12 9.19
CA ILE B 223 2.74 -31.20 7.80
C ILE B 223 3.91 -30.77 6.92
N ARG B 224 4.02 -31.40 5.75
CA ARG B 224 5.02 -31.03 4.77
C ARG B 224 4.38 -30.94 3.41
N ALA B 225 4.76 -29.90 2.65
CA ALA B 225 4.27 -29.68 1.30
C ALA B 225 5.48 -29.51 0.37
N HIS B 226 5.54 -30.31 -0.71
CA HIS B 226 6.62 -30.31 -1.69
CA HIS B 226 6.62 -30.18 -1.68
C HIS B 226 6.07 -29.93 -3.06
N VAL B 227 6.58 -28.86 -3.66
CA VAL B 227 6.24 -28.49 -5.02
C VAL B 227 7.52 -28.00 -5.69
N GLY B 228 7.87 -28.59 -6.82
CA GLY B 228 9.05 -28.21 -7.58
C GLY B 228 10.30 -28.24 -6.74
N ASP B 229 10.99 -27.11 -6.65
CA ASP B 229 12.25 -26.97 -5.90
C ASP B 229 12.06 -26.52 -4.44
N PHE B 230 10.80 -26.46 -3.95
CA PHE B 230 10.50 -25.94 -2.62
C PHE B 230 9.92 -27.03 -1.72
N ILE B 231 10.39 -27.07 -0.48
CA ILE B 231 9.84 -27.97 0.55
C ILE B 231 9.54 -27.18 1.81
N PHE B 232 8.25 -27.14 2.17
CA PHE B 232 7.75 -26.44 3.36
C PHE B 232 7.36 -27.46 4.42
N THR B 233 7.77 -27.23 5.67
CA THR B 233 7.40 -28.09 6.78
C THR B 233 6.94 -27.21 7.94
N SER B 234 5.86 -27.61 8.60
CA SER B 234 5.35 -26.88 9.77
C SER B 234 4.84 -27.81 10.87
N LYS B 235 4.96 -27.36 12.11
CA LYS B 235 4.21 -27.97 13.20
C LYS B 235 2.72 -27.75 12.93
N LEU B 236 1.91 -28.69 13.40
CA LEU B 236 0.47 -28.50 13.45
C LEU B 236 0.08 -27.84 14.78
N VAL B 237 -1.11 -27.27 14.81
CA VAL B 237 -1.65 -26.74 16.05
C VAL B 237 -2.23 -27.91 16.84
N ASP B 238 -1.70 -28.12 18.05
CA ASP B 238 -2.12 -29.23 18.87
C ASP B 238 -3.35 -28.84 19.66
N GLY B 239 -4.51 -29.01 19.02
CA GLY B 239 -5.77 -28.61 19.60
C GLY B 239 -6.93 -29.21 18.84
N ARG B 240 -8.13 -29.01 19.36
CA ARG B 240 -9.35 -29.54 18.75
C ARG B 240 -10.04 -28.41 18.01
N PHE B 241 -10.38 -28.62 16.74
CA PHE B 241 -11.13 -27.61 15.99
C PHE B 241 -12.61 -27.66 16.38
N PRO B 242 -13.30 -26.50 16.41
CA PRO B 242 -14.72 -26.53 16.77
C PRO B 242 -15.56 -27.41 15.85
N ASP B 243 -16.66 -27.94 16.39
CA ASP B 243 -17.57 -28.74 15.59
C ASP B 243 -18.41 -27.80 14.71
N TYR B 244 -17.76 -27.30 13.67
CA TYR B 244 -18.32 -26.29 12.77
C TYR B 244 -19.61 -26.77 12.05
N ARG B 245 -19.74 -28.08 11.84
CA ARG B 245 -20.94 -28.62 11.16
C ARG B 245 -22.25 -28.24 11.82
N ARG B 246 -22.21 -28.01 13.13
CA ARG B 246 -23.39 -27.61 13.89
C ARG B 246 -24.01 -26.28 13.45
N VAL B 247 -23.22 -25.37 12.85
CA VAL B 247 -23.78 -24.10 12.39
C VAL B 247 -24.15 -24.07 10.91
N LEU B 248 -23.77 -25.09 10.13
CA LEU B 248 -24.25 -25.18 8.74
C LEU B 248 -25.76 -25.43 8.78
N PRO B 249 -26.55 -24.50 8.22
CA PRO B 249 -28.01 -24.66 8.19
C PRO B 249 -28.39 -26.03 7.67
N LYS B 250 -29.23 -26.76 8.42
CA LYS B 250 -29.60 -28.14 8.06
C LYS B 250 -30.43 -28.22 6.78
N ASN B 251 -31.42 -27.35 6.68
CA ASN B 251 -32.27 -27.31 5.50
C ASN B 251 -32.81 -25.92 5.33
N PRO B 252 -32.00 -25.04 4.72
CA PRO B 252 -32.54 -23.74 4.37
C PRO B 252 -33.59 -23.93 3.27
N ASP B 253 -34.82 -23.53 3.54
CA ASP B 253 -35.92 -23.73 2.59
C ASP B 253 -36.01 -22.60 1.57
N LYS B 254 -35.44 -21.44 1.90
CA LYS B 254 -35.50 -20.26 1.06
C LYS B 254 -34.14 -20.04 0.40
N HIS B 255 -34.13 -19.89 -0.92
CA HIS B 255 -32.88 -19.62 -1.64
C HIS B 255 -33.10 -18.44 -2.57
N LEU B 256 -32.19 -17.47 -2.49
CA LEU B 256 -32.23 -16.23 -3.25
C LEU B 256 -30.99 -16.20 -4.15
N GLU B 257 -31.15 -15.79 -5.41
CA GLU B 257 -30.01 -15.63 -6.31
CA GLU B 257 -30.01 -15.63 -6.32
C GLU B 257 -29.91 -14.18 -6.80
N ALA B 258 -28.71 -13.62 -6.77
CA ALA B 258 -28.50 -12.25 -7.19
C ALA B 258 -27.17 -12.09 -7.86
N GLY B 259 -27.06 -11.05 -8.68
CA GLY B 259 -25.78 -10.66 -9.25
C GLY B 259 -24.81 -10.33 -8.13
N CYS B 260 -23.63 -10.92 -8.19
CA CYS B 260 -22.66 -10.79 -7.11
C CYS B 260 -22.25 -9.33 -6.93
N ASP B 261 -21.90 -8.67 -8.03
CA ASP B 261 -21.38 -7.31 -7.92
C ASP B 261 -22.47 -6.31 -7.54
N LEU B 262 -23.65 -6.42 -8.12
CA LEU B 262 -24.77 -5.57 -7.70
C LEU B 262 -25.05 -5.73 -6.21
N LEU B 263 -25.03 -6.97 -5.73
CA LEU B 263 -25.35 -7.21 -4.32
C LEU B 263 -24.24 -6.61 -3.47
N LYS B 264 -22.99 -6.85 -3.87
CA LYS B 264 -21.85 -6.32 -3.14
C LYS B 264 -21.88 -4.77 -3.05
N GLN B 265 -22.17 -4.11 -4.18
CA GLN B 265 -22.13 -2.63 -4.21
C GLN B 265 -23.26 -2.03 -3.37
N ALA B 266 -24.42 -2.69 -3.35
CA ALA B 266 -25.52 -2.28 -2.50
C ALA B 266 -25.16 -2.42 -1.03
N PHE B 267 -24.60 -3.57 -0.65
CA PHE B 267 -24.11 -3.73 0.73
C PHE B 267 -23.01 -2.72 1.08
N ALA B 268 -22.11 -2.43 0.14
CA ALA B 268 -21.00 -1.50 0.42
C ALA B 268 -21.51 -0.09 0.69
N ARG B 269 -22.50 0.34 -0.10
CA ARG B 269 -23.12 1.67 0.09
C ARG B 269 -23.90 1.73 1.41
N ALA B 270 -24.75 0.73 1.66
CA ALA B 270 -25.49 0.65 2.93
C ALA B 270 -24.57 0.68 4.16
N ALA B 271 -23.44 -0.03 4.05
CA ALA B 271 -22.48 -0.16 5.16
C ALA B 271 -21.96 1.19 5.65
N ILE B 272 -21.89 2.17 4.75
CA ILE B 272 -21.41 3.52 5.09
C ILE B 272 -22.19 4.09 6.29
N LEU B 273 -23.47 3.77 6.36
CA LEU B 273 -24.34 4.29 7.41
C LEU B 273 -24.74 3.22 8.44
N SER B 274 -23.95 2.17 8.56
CA SER B 274 -24.18 1.15 9.59
C SER B 274 -23.34 1.49 10.81
N ASN B 275 -23.71 0.90 11.94
CA ASN B 275 -22.94 1.03 13.17
C ASN B 275 -21.48 0.65 12.93
N GLU B 276 -20.57 1.55 13.29
CA GLU B 276 -19.15 1.38 13.03
C GLU B 276 -18.54 0.16 13.72
N LYS B 277 -19.09 -0.22 14.87
CA LYS B 277 -18.57 -1.32 15.67
C LYS B 277 -19.24 -2.65 15.37
N PHE B 278 -20.57 -2.65 15.24
CA PHE B 278 -21.34 -3.89 15.09
C PHE B 278 -21.88 -4.16 13.68
N ARG B 279 -21.89 -3.11 12.85
CA ARG B 279 -21.99 -3.24 11.39
C ARG B 279 -23.25 -3.96 10.90
N GLY B 280 -24.30 -3.85 11.69
CA GLY B 280 -25.56 -4.52 11.40
C GLY B 280 -26.32 -3.87 10.26
N VAL B 281 -26.74 -4.69 9.31
CA VAL B 281 -27.70 -4.28 8.27
C VAL B 281 -28.86 -5.28 8.21
N ARG B 282 -30.01 -4.81 7.74
CA ARG B 282 -31.21 -5.63 7.68
C ARG B 282 -31.57 -5.92 6.22
N LEU B 283 -32.03 -7.14 5.97
CA LEU B 283 -32.51 -7.59 4.67
C LEU B 283 -33.99 -7.86 4.75
N TYR B 284 -34.76 -7.29 3.83
CA TYR B 284 -36.16 -7.63 3.68
C TYR B 284 -36.31 -8.33 2.33
N VAL B 285 -36.68 -9.60 2.39
CA VAL B 285 -36.79 -10.44 1.22
C VAL B 285 -38.25 -10.60 0.83
N SER B 286 -38.56 -10.38 -0.44
CA SER B 286 -39.89 -10.56 -0.99
C SER B 286 -39.80 -11.04 -2.45
N GLU B 287 -40.95 -11.30 -3.07
CA GLU B 287 -40.97 -11.86 -4.43
C GLU B 287 -40.03 -11.09 -5.35
N ASN B 288 -39.01 -11.77 -5.83
CA ASN B 288 -37.97 -11.19 -6.68
C ASN B 288 -37.46 -9.81 -6.26
N GLN B 289 -37.43 -9.53 -4.96
CA GLN B 289 -36.91 -8.25 -4.51
C GLN B 289 -36.19 -8.40 -3.18
N LEU B 290 -35.13 -7.63 -3.04
CA LEU B 290 -34.40 -7.49 -1.79
C LEU B 290 -34.27 -6.02 -1.45
N LYS B 291 -34.55 -5.70 -0.20
CA LYS B 291 -34.34 -4.36 0.33
C LYS B 291 -33.31 -4.47 1.45
N ILE B 292 -32.28 -3.64 1.39
CA ILE B 292 -31.27 -3.60 2.44
C ILE B 292 -31.34 -2.25 3.14
N THR B 293 -31.34 -2.27 4.47
CA THR B 293 -31.29 -1.04 5.24
C THR B 293 -30.16 -1.05 6.25
N ALA B 294 -29.70 0.16 6.58
CA ALA B 294 -28.71 0.34 7.61
C ALA B 294 -29.02 1.62 8.35
N ASN B 295 -28.70 1.65 9.63
CA ASN B 295 -28.71 2.91 10.35
C ASN B 295 -27.69 2.86 11.48
N ASN B 296 -27.33 4.03 11.97
CA ASN B 296 -26.27 4.17 12.95
C ASN B 296 -26.78 4.98 14.15
N PRO B 297 -25.97 5.14 15.19
CA PRO B 297 -26.45 5.84 16.40
C PRO B 297 -26.75 7.33 16.16
N GLU B 298 -26.20 7.92 15.11
CA GLU B 298 -26.51 9.31 14.78
C GLU B 298 -27.79 9.41 13.92
N GLN B 299 -28.50 8.29 13.79
CA GLN B 299 -29.76 8.21 13.07
C GLN B 299 -29.67 8.55 11.59
N GLU B 300 -28.50 8.33 11.00
CA GLU B 300 -28.38 8.35 9.55
C GLU B 300 -28.91 7.02 9.04
N GLU B 301 -29.44 7.01 7.82
CA GLU B 301 -30.08 5.82 7.30
C GLU B 301 -29.76 5.61 5.83
N ALA B 302 -29.56 4.36 5.45
CA ALA B 302 -29.41 3.94 4.06
C ALA B 302 -30.46 2.90 3.69
N GLU B 303 -30.92 2.95 2.43
CA GLU B 303 -31.81 1.94 1.91
C GLU B 303 -31.42 1.63 0.47
N GLU B 304 -31.37 0.33 0.15
CA GLU B 304 -31.04 -0.15 -1.19
C GLU B 304 -32.12 -1.15 -1.58
N ILE B 305 -32.70 -1.00 -2.77
CA ILE B 305 -33.59 -2.01 -3.33
C ILE B 305 -32.96 -2.57 -4.63
N LEU B 306 -32.97 -3.89 -4.78
CA LEU B 306 -32.47 -4.56 -6.00
C LEU B 306 -33.43 -5.63 -6.42
N ASP B 307 -33.42 -5.93 -7.71
CA ASP B 307 -34.14 -7.09 -8.23
C ASP B 307 -33.28 -8.33 -8.04
N VAL B 308 -33.90 -9.41 -7.57
CA VAL B 308 -33.23 -10.69 -7.43
C VAL B 308 -34.16 -11.80 -7.89
N THR B 309 -33.68 -13.03 -7.85
CA THR B 309 -34.50 -14.20 -8.11
C THR B 309 -34.89 -14.82 -6.78
N TYR B 310 -36.17 -14.72 -6.44
CA TYR B 310 -36.69 -15.24 -5.17
C TYR B 310 -38.21 -15.41 -5.23
N SER B 311 -38.69 -16.59 -4.85
CA SER B 311 -40.13 -16.89 -4.85
C SER B 311 -40.70 -17.27 -3.47
N GLY B 312 -39.86 -17.76 -2.57
CA GLY B 312 -40.29 -18.14 -1.21
C GLY B 312 -41.12 -17.12 -0.43
N ALA B 313 -41.43 -17.42 0.83
CA ALA B 313 -42.19 -16.52 1.69
C ALA B 313 -41.38 -15.27 2.04
N GLU B 314 -42.08 -14.17 2.31
CA GLU B 314 -41.40 -12.95 2.73
C GLU B 314 -40.72 -13.18 4.08
N MET B 315 -39.52 -12.63 4.25
CA MET B 315 -38.84 -12.68 5.54
C MET B 315 -37.83 -11.56 5.70
N GLU B 316 -37.38 -11.42 6.95
CA GLU B 316 -36.45 -10.38 7.35
CA GLU B 316 -36.44 -10.38 7.34
C GLU B 316 -35.31 -11.04 8.11
N ILE B 317 -34.10 -10.50 7.96
CA ILE B 317 -32.94 -11.01 8.68
C ILE B 317 -31.87 -9.94 8.69
N GLY B 318 -31.13 -9.86 9.79
CA GLY B 318 -30.04 -8.92 9.93
C GLY B 318 -28.74 -9.69 10.00
N PHE B 319 -27.66 -9.04 9.59
CA PHE B 319 -26.33 -9.59 9.79
C PHE B 319 -25.24 -8.54 9.74
N ASN B 320 -24.02 -8.96 10.08
CA ASN B 320 -22.85 -8.11 10.04
C ASN B 320 -22.44 -7.90 8.58
N VAL B 321 -22.53 -6.65 8.10
CA VAL B 321 -22.25 -6.36 6.68
C VAL B 321 -20.77 -6.53 6.31
N SER B 322 -19.89 -6.31 7.26
CA SER B 322 -18.46 -6.56 7.05
C SER B 322 -18.22 -8.05 6.74
N TYR B 323 -18.87 -8.95 7.47
CA TYR B 323 -18.72 -10.38 7.21
C TYR B 323 -19.28 -10.77 5.86
N VAL B 324 -20.41 -10.18 5.49
CA VAL B 324 -21.02 -10.45 4.22
C VAL B 324 -20.20 -9.88 3.07
N LEU B 325 -19.68 -8.66 3.21
CA LEU B 325 -18.80 -8.11 2.19
C LEU B 325 -17.50 -8.92 1.99
N ASP B 326 -16.96 -9.44 3.08
CA ASP B 326 -15.78 -10.31 3.02
C ASP B 326 -16.08 -11.53 2.13
N VAL B 327 -17.27 -12.10 2.33
CA VAL B 327 -17.73 -13.27 1.58
C VAL B 327 -17.85 -12.93 0.09
N LEU B 328 -18.54 -11.84 -0.23
CA LEU B 328 -18.76 -11.45 -1.64
C LEU B 328 -17.47 -11.10 -2.34
N ASN B 329 -16.52 -10.51 -1.60
CA ASN B 329 -15.21 -10.22 -2.16
C ASN B 329 -14.41 -11.51 -2.43
N ALA B 330 -14.55 -12.51 -1.57
CA ALA B 330 -13.91 -13.82 -1.80
C ALA B 330 -14.53 -14.57 -3.00
N LEU B 331 -15.83 -14.42 -3.19
CA LEU B 331 -16.57 -15.19 -4.23
C LEU B 331 -16.25 -14.72 -5.65
N LYS B 332 -16.17 -13.41 -5.88
CA LYS B 332 -15.71 -12.85 -7.17
C LYS B 332 -16.29 -13.58 -8.38
N CYS B 333 -17.62 -13.72 -8.40
CA CYS B 333 -18.27 -14.51 -9.44
C CYS B 333 -19.42 -13.73 -10.06
N GLU B 334 -20.18 -14.37 -10.95
CA GLU B 334 -21.27 -13.70 -11.62
C GLU B 334 -22.49 -13.58 -10.72
N ASN B 335 -22.92 -14.71 -10.15
CA ASN B 335 -24.12 -14.73 -9.33
C ASN B 335 -23.88 -15.45 -8.02
N VAL B 336 -24.58 -14.99 -6.98
CA VAL B 336 -24.47 -15.57 -5.66
CA VAL B 336 -24.47 -15.62 -5.67
C VAL B 336 -25.82 -16.19 -5.28
N ARG B 337 -25.78 -17.26 -4.49
CA ARG B 337 -26.97 -17.87 -3.91
C ARG B 337 -26.89 -17.64 -2.40
N MET B 338 -27.92 -17.03 -1.83
CA MET B 338 -28.03 -16.86 -0.37
CA MET B 338 -28.03 -16.86 -0.38
C MET B 338 -29.14 -17.77 0.11
N MET B 339 -28.80 -18.68 1.00
CA MET B 339 -29.73 -19.66 1.49
C MET B 339 -30.16 -19.30 2.91
N LEU B 340 -31.47 -19.16 3.07
CA LEU B 340 -32.07 -18.57 4.24
C LEU B 340 -33.09 -19.51 4.87
N THR B 341 -33.37 -19.31 6.16
CA THR B 341 -34.36 -20.09 6.90
C THR B 341 -35.38 -19.14 7.54
N ASP B 342 -34.92 -18.30 8.45
CA ASP B 342 -35.77 -17.33 9.13
C ASP B 342 -34.88 -16.28 9.80
N SER B 343 -35.50 -15.35 10.52
CA SER B 343 -34.80 -14.20 11.10
C SER B 343 -33.89 -14.57 12.26
N VAL B 344 -33.99 -15.80 12.76
CA VAL B 344 -33.21 -16.22 13.93
C VAL B 344 -32.28 -17.37 13.58
N SER B 345 -32.02 -17.59 12.29
CA SER B 345 -31.11 -18.64 11.86
C SER B 345 -29.98 -18.05 10.99
N SER B 346 -28.90 -18.82 10.85
CA SER B 346 -27.75 -18.34 10.08
C SER B 346 -28.09 -18.34 8.58
N VAL B 347 -27.21 -17.71 7.81
CA VAL B 347 -27.33 -17.68 6.35
CA VAL B 347 -27.31 -17.62 6.35
C VAL B 347 -26.10 -18.34 5.75
N GLN B 348 -26.30 -19.12 4.69
CA GLN B 348 -25.21 -19.75 3.96
C GLN B 348 -25.13 -19.11 2.56
N ILE B 349 -23.92 -18.77 2.15
CA ILE B 349 -23.71 -18.04 0.91
C ILE B 349 -22.73 -18.80 0.03
N GLU B 350 -23.06 -18.93 -1.26
CA GLU B 350 -22.22 -19.63 -2.23
C GLU B 350 -22.26 -18.93 -3.58
N ASP B 351 -21.26 -19.22 -4.39
CA ASP B 351 -21.33 -18.96 -5.82
C ASP B 351 -22.52 -19.77 -6.36
N ALA B 352 -23.43 -19.12 -7.08
CA ALA B 352 -24.59 -19.84 -7.62
C ALA B 352 -24.17 -20.97 -8.56
N ALA B 353 -22.99 -20.83 -9.17
CA ALA B 353 -22.49 -21.84 -10.11
C ALA B 353 -21.55 -22.90 -9.49
N SER B 354 -21.29 -22.82 -8.18
CA SER B 354 -20.37 -23.79 -7.55
C SER B 354 -20.64 -23.96 -6.05
N GLN B 355 -20.79 -25.21 -5.62
CA GLN B 355 -20.96 -25.50 -4.20
C GLN B 355 -19.63 -25.75 -3.49
N SER B 356 -18.51 -25.62 -4.18
CA SER B 356 -17.20 -25.92 -3.56
C SER B 356 -16.95 -25.10 -2.30
N ALA B 357 -17.16 -23.79 -2.41
CA ALA B 357 -16.97 -22.88 -1.27
C ALA B 357 -18.32 -22.49 -0.68
N ALA B 358 -18.41 -22.51 0.66
CA ALA B 358 -19.61 -22.11 1.35
C ALA B 358 -19.25 -21.28 2.56
N TYR B 359 -20.07 -20.26 2.83
CA TYR B 359 -19.83 -19.32 3.92
C TYR B 359 -21.07 -19.19 4.76
N VAL B 360 -20.87 -19.18 6.08
CA VAL B 360 -21.99 -19.03 7.01
C VAL B 360 -21.78 -17.79 7.89
N VAL B 361 -22.82 -16.94 7.92
CA VAL B 361 -22.85 -15.77 8.76
C VAL B 361 -24.05 -15.87 9.70
N MET B 362 -23.85 -15.43 10.95
CA MET B 362 -24.88 -15.52 11.99
C MET B 362 -25.94 -14.44 11.85
N PRO B 363 -27.14 -14.69 12.40
CA PRO B 363 -28.16 -13.64 12.35
C PRO B 363 -27.94 -12.54 13.40
N MET B 364 -28.36 -11.31 13.09
CA MET B 364 -28.42 -10.24 14.07
C MET B 364 -29.85 -9.72 14.20
N ARG B 365 -30.24 -9.41 15.43
CA ARG B 365 -31.53 -8.76 15.71
C ARG B 365 -31.28 -7.25 15.56
N LEU B 366 -31.83 -6.68 14.49
CA LEU B 366 -31.41 -5.37 13.93
C LEU B 366 -29.93 -5.30 13.47
#